data_8J7L
#
_entry.id   8J7L
#
_cell.length_a   50.912
_cell.length_b   139.101
_cell.length_c   57.798
_cell.angle_alpha   90.000
_cell.angle_beta   101.720
_cell.angle_gamma   90.000
#
_symmetry.space_group_name_H-M   'P 1 21 1'
#
loop_
_entity.id
_entity.type
_entity.pdbx_description
1 polymer 'Alpha/beta fold hydrolase'
2 non-polymer 'methyl 2-[[4-ethoxy-6-(methylamino)-1,3,5-triazin-2-yl]carbamoylsulfamoyl]benzoate'
3 non-polymer 'L(+)-TARTARIC ACID'
4 non-polymer GLYCEROL
5 water water
#
_entity_poly.entity_id   1
_entity_poly.type   'polypeptide(L)'
_entity_poly.pdbx_seq_one_letter_code
;METDNVELAQSKRKVVLAEQGSFYIGGRTVTGPGKFDPSKPVIRYSNEGATFYINQMYVNFQAPVRPRGLPLVFWHGGGL
TGHIWESTPDGRPGFQTLFVQDRHTVYTIDQPGRGRGNIPTFNGPFGQLEEESIVNTVTGNSSKEGAWVRDRLGPAPGQF
FENSQFPRGYEDNYFKEMGFSPSISSDEIVDAVVKLVTHIGPCVLVTHAASGVLGMRVATHAKNVRGIVAYEPATSIFPK
GKVPEIPPLADKKSQIFPPFEIQESYFKKLAKIPIQFVFGDNIPKNPKSAYWFLDWWRVTRYAHSLSLEAINKLGGQASL
LDLPTAGLRGNTAFPFTDRNNVQVASLLSDFLGKHGLDQNESLEHHHHHH
;
_entity_poly.pdbx_strand_id   A,B
#
# COMPACT_ATOMS: atom_id res chain seq x y z
N LYS A 12 -18.20 -1.91 -18.87
CA LYS A 12 -17.82 -3.06 -18.07
C LYS A 12 -17.06 -2.43 -16.91
N ARG A 13 -16.54 -1.23 -17.17
CA ARG A 13 -15.59 -0.63 -16.24
C ARG A 13 -16.17 0.53 -15.43
N LYS A 14 -17.33 1.06 -15.79
CA LYS A 14 -17.86 2.24 -15.13
C LYS A 14 -18.37 1.92 -13.73
N VAL A 15 -18.09 2.80 -12.79
CA VAL A 15 -18.45 2.61 -11.38
C VAL A 15 -18.98 3.94 -10.84
N VAL A 16 -20.11 3.89 -10.14
CA VAL A 16 -20.71 5.06 -9.48
C VAL A 16 -20.55 4.87 -7.98
N LEU A 17 -19.75 5.72 -7.34
CA LEU A 17 -19.53 5.62 -5.91
C LEU A 17 -20.31 6.71 -5.20
N ALA A 18 -21.13 6.31 -4.23
CA ALA A 18 -21.70 7.27 -3.29
C ALA A 18 -20.62 7.92 -2.45
N GLU A 19 -19.58 7.17 -2.12
CA GLU A 19 -18.43 7.67 -1.38
C GLU A 19 -17.30 6.68 -1.53
N GLN A 20 -16.09 7.18 -1.34
CA GLN A 20 -14.92 6.31 -1.24
C GLN A 20 -13.93 6.94 -0.28
N GLY A 21 -13.02 6.11 0.22
CA GLY A 21 -11.95 6.66 1.02
C GLY A 21 -11.16 5.55 1.67
N SER A 22 -10.31 5.96 2.59
CA SER A 22 -9.46 5.01 3.26
C SER A 22 -9.11 5.57 4.63
N PHE A 23 -8.68 4.69 5.50
CA PHE A 23 -8.37 5.07 6.87
C PHE A 23 -7.48 4.02 7.49
N TYR A 24 -6.88 4.37 8.62
CA TYR A 24 -6.06 3.44 9.37
C TYR A 24 -6.85 3.00 10.59
N ILE A 25 -6.65 1.74 10.99
CA ILE A 25 -7.35 1.19 12.15
C ILE A 25 -6.46 0.17 12.82
N GLY A 26 -6.65 0.01 14.11
CA GLY A 26 -5.90 -0.96 14.88
C GLY A 26 -4.48 -0.50 15.16
N GLY A 27 -3.70 -1.43 15.72
CA GLY A 27 -2.32 -1.13 16.05
C GLY A 27 -2.17 -0.71 17.50
N ARG A 28 -0.91 -0.50 17.89
CA ARG A 28 -0.56 -0.04 19.22
C ARG A 28 0.57 0.98 19.07
N THR A 29 1.20 1.33 20.19
CA THR A 29 2.35 2.21 20.16
C THR A 29 3.48 1.59 20.98
N VAL A 30 4.71 1.93 20.62
CA VAL A 30 5.88 1.58 21.42
C VAL A 30 6.70 2.86 21.52
N THR A 31 7.53 2.94 22.54
CA THR A 31 8.23 4.19 22.79
C THR A 31 9.70 3.93 23.02
N GLY A 32 10.50 4.87 22.55
CA GLY A 32 11.90 4.80 22.78
C GLY A 32 12.24 5.42 24.12
N PRO A 33 13.52 5.40 24.43
CA PRO A 33 14.00 6.00 25.66
C PRO A 33 14.16 7.50 25.60
N GLY A 34 14.15 8.11 26.76
CA GLY A 34 14.42 9.52 26.84
C GLY A 34 13.32 10.48 26.53
N LYS A 35 13.73 11.68 26.20
CA LYS A 35 12.78 12.69 25.87
C LYS A 35 13.07 13.44 24.57
N PHE A 36 12.06 14.11 24.05
CA PHE A 36 12.19 14.81 22.80
C PHE A 36 12.39 16.29 23.11
N ASP A 37 13.42 16.85 22.54
CA ASP A 37 13.69 18.25 22.68
C ASP A 37 13.46 18.92 21.27
N PRO A 38 12.45 19.82 21.15
CA PRO A 38 12.20 20.44 19.83
C PRO A 38 13.30 21.38 19.39
N SER A 39 14.23 21.74 20.27
CA SER A 39 15.32 22.64 19.91
C SER A 39 16.50 21.91 19.29
N LYS A 40 16.57 20.61 19.46
CA LYS A 40 17.69 19.84 18.96
C LYS A 40 17.37 19.35 17.55
N PRO A 41 18.38 19.03 16.75
CA PRO A 41 18.12 18.54 15.39
C PRO A 41 17.20 17.32 15.40
N VAL A 42 16.12 17.41 14.63
CA VAL A 42 15.17 16.31 14.53
C VAL A 42 15.65 15.26 13.53
N ILE A 43 16.47 15.67 12.58
CA ILE A 43 17.05 14.80 11.56
C ILE A 43 18.56 14.87 11.75
N ARG A 44 19.26 13.72 11.75
CA ARG A 44 18.76 12.36 11.61
C ARG A 44 17.80 11.88 12.69
N TYR A 45 16.81 11.10 12.25
CA TYR A 45 15.81 10.58 13.16
C TYR A 45 16.43 9.65 14.20
N SER A 46 15.90 9.74 15.41
CA SER A 46 16.41 9.05 16.59
C SER A 46 15.25 8.40 17.30
N ASN A 47 15.55 7.36 18.08
CA ASN A 47 14.54 6.79 18.96
C ASN A 47 14.35 7.58 20.26
N GLU A 48 15.15 8.62 20.49
CA GLU A 48 15.06 9.36 21.74
C GLU A 48 13.74 10.10 21.83
N GLY A 49 13.04 9.91 22.96
CA GLY A 49 11.74 10.53 23.15
C GLY A 49 10.68 10.12 22.14
N ALA A 50 10.88 8.99 21.47
CA ALA A 50 10.07 8.65 20.30
C ALA A 50 8.85 7.82 20.69
N THR A 51 7.71 8.15 20.10
CA THR A 51 6.53 7.29 20.08
C THR A 51 6.34 6.79 18.67
N PHE A 52 6.16 5.49 18.50
CA PHE A 52 5.96 4.88 17.19
C PHE A 52 4.62 4.16 17.19
N TYR A 53 3.80 4.46 16.17
CA TYR A 53 2.58 3.71 15.95
C TYR A 53 2.95 2.47 15.14
N ILE A 54 2.61 1.28 15.66
CA ILE A 54 3.00 0.05 14.97
C ILE A 54 1.82 -0.88 14.81
N ASN A 55 1.89 -1.70 13.76
CA ASN A 55 0.97 -2.79 13.47
C ASN A 55 -0.44 -2.33 13.16
N GLN A 56 -0.61 -1.06 12.77
CA GLN A 56 -1.90 -0.59 12.30
C GLN A 56 -2.16 -1.11 10.90
N MET A 57 -3.44 -1.11 10.52
CA MET A 57 -3.84 -1.65 9.23
C MET A 57 -4.48 -0.57 8.37
N TYR A 58 -4.20 -0.63 7.07
CA TYR A 58 -4.83 0.24 6.09
C TYR A 58 -6.11 -0.38 5.57
N VAL A 59 -7.15 0.44 5.42
CA VAL A 59 -8.47 0.04 4.93
C VAL A 59 -8.93 1.01 3.87
N ASN A 60 -9.42 0.48 2.76
CA ASN A 60 -10.03 1.27 1.70
C ASN A 60 -11.48 0.83 1.56
N PHE A 61 -12.37 1.79 1.29
CA PHE A 61 -13.76 1.44 1.03
C PHE A 61 -14.31 2.20 -0.17
N GLN A 62 -15.23 1.53 -0.86
CA GLN A 62 -15.99 2.12 -1.96
C GLN A 62 -17.44 1.69 -1.79
N ALA A 63 -18.33 2.66 -1.71
CA ALA A 63 -19.75 2.41 -1.48
C ALA A 63 -20.53 2.77 -2.73
N PRO A 64 -21.40 1.89 -3.23
CA PRO A 64 -22.25 2.25 -4.35
C PRO A 64 -23.42 3.11 -3.87
N VAL A 65 -24.13 3.68 -4.85
CA VAL A 65 -25.44 4.27 -4.56
C VAL A 65 -26.42 3.15 -4.31
N ARG A 66 -27.26 3.30 -3.28
CA ARG A 66 -28.27 2.30 -2.93
C ARG A 66 -27.67 0.92 -2.72
N PRO A 67 -26.79 0.74 -1.73
CA PRO A 67 -26.20 -0.60 -1.51
C PRO A 67 -27.24 -1.63 -1.12
N ARG A 68 -26.97 -2.88 -1.47
CA ARG A 68 -27.86 -4.00 -1.16
C ARG A 68 -27.09 -5.08 -0.42
N GLY A 69 -27.53 -5.41 0.79
CA GLY A 69 -26.89 -6.48 1.52
C GLY A 69 -25.69 -5.99 2.29
N LEU A 70 -24.90 -6.91 2.66
CA LEU A 70 -23.84 -6.60 3.60
C LEU A 70 -22.58 -6.17 2.89
N PRO A 71 -21.77 -5.35 3.55
CA PRO A 71 -20.48 -4.99 2.96
C PRO A 71 -19.58 -6.21 2.90
N LEU A 72 -18.75 -6.24 1.87
CA LEU A 72 -17.75 -7.28 1.69
C LEU A 72 -16.39 -6.75 2.13
N VAL A 73 -15.66 -7.56 2.88
CA VAL A 73 -14.29 -7.23 3.28
C VAL A 73 -13.37 -8.21 2.57
N PHE A 74 -12.62 -7.70 1.59
CA PHE A 74 -11.71 -8.51 0.80
C PHE A 74 -10.34 -8.49 1.48
N TRP A 75 -9.80 -9.67 1.77
CA TRP A 75 -8.60 -9.83 2.57
C TRP A 75 -7.56 -10.61 1.78
N HIS A 76 -6.51 -9.92 1.34
CA HIS A 76 -5.47 -10.49 0.51
C HIS A 76 -4.75 -11.67 1.18
N GLY A 77 -4.20 -12.54 0.34
CA GLY A 77 -3.37 -13.62 0.80
C GLY A 77 -1.98 -13.18 1.22
N GLY A 78 -1.13 -14.18 1.44
CA GLY A 78 0.16 -13.93 2.04
C GLY A 78 1.09 -13.18 1.09
N GLY A 79 1.76 -12.16 1.61
CA GLY A 79 2.68 -11.37 0.81
C GLY A 79 2.05 -10.48 -0.24
N LEU A 80 0.74 -10.22 -0.14
CA LEU A 80 -0.02 -9.48 -1.13
C LEU A 80 -0.60 -8.21 -0.49
N THR A 81 -1.41 -7.51 -1.27
CA THR A 81 -2.09 -6.30 -0.80
C THR A 81 -3.46 -6.24 -1.44
N GLY A 82 -4.23 -5.21 -1.08
CA GLY A 82 -5.52 -4.99 -1.69
C GLY A 82 -5.47 -4.76 -3.19
N HIS A 83 -4.27 -4.56 -3.77
CA HIS A 83 -4.15 -4.48 -5.23
C HIS A 83 -4.82 -5.65 -5.92
N ILE A 84 -4.70 -6.87 -5.35
CA ILE A 84 -5.20 -8.04 -6.06
C ILE A 84 -6.71 -8.04 -6.21
N TRP A 85 -7.42 -7.22 -5.43
CA TRP A 85 -8.86 -7.05 -5.61
C TRP A 85 -9.22 -5.86 -6.50
N GLU A 86 -8.26 -5.00 -6.86
CA GLU A 86 -8.54 -3.80 -7.64
C GLU A 86 -8.51 -4.11 -9.12
N SER A 87 -7.51 -4.88 -9.54
CA SER A 87 -7.25 -5.13 -10.94
C SER A 87 -6.55 -6.47 -11.06
N THR A 88 -6.71 -7.08 -12.22
CA THR A 88 -5.92 -8.26 -12.57
C THR A 88 -4.56 -7.80 -13.09
N PRO A 89 -3.58 -8.70 -13.21
CA PRO A 89 -2.26 -8.26 -13.68
C PRO A 89 -2.28 -7.68 -15.07
N ASP A 90 -3.21 -8.13 -15.92
CA ASP A 90 -3.39 -7.60 -17.27
C ASP A 90 -4.39 -6.45 -17.32
N GLY A 91 -4.76 -5.89 -16.17
CA GLY A 91 -5.51 -4.66 -16.18
C GLY A 91 -7.01 -4.78 -16.26
N ARG A 92 -7.57 -5.99 -16.13
CA ARG A 92 -9.01 -6.12 -16.09
C ARG A 92 -9.55 -5.80 -14.69
N PRO A 93 -10.84 -5.45 -14.60
CA PRO A 93 -11.42 -5.09 -13.30
C PRO A 93 -11.26 -6.22 -12.28
N GLY A 94 -10.91 -5.84 -11.05
CA GLY A 94 -10.87 -6.78 -9.95
C GLY A 94 -12.21 -6.86 -9.23
N PHE A 95 -12.24 -7.72 -8.21
CA PHE A 95 -13.49 -7.95 -7.48
C PHE A 95 -14.02 -6.67 -6.82
N GLN A 96 -13.16 -5.70 -6.51
CA GLN A 96 -13.61 -4.43 -5.95
C GLN A 96 -14.63 -3.78 -6.89
N THR A 97 -14.23 -3.56 -8.13
CA THR A 97 -15.13 -2.98 -9.12
C THR A 97 -16.35 -3.87 -9.35
N LEU A 98 -16.12 -5.18 -9.52
CA LEU A 98 -17.24 -6.05 -9.87
C LEU A 98 -18.32 -6.03 -8.80
N PHE A 99 -17.93 -5.98 -7.52
CA PHE A 99 -18.94 -6.05 -6.46
C PHE A 99 -19.48 -4.70 -6.03
N VAL A 100 -18.77 -3.60 -6.30
CA VAL A 100 -19.46 -2.32 -6.22
C VAL A 100 -20.53 -2.25 -7.29
N GLN A 101 -20.23 -2.78 -8.49
CA GLN A 101 -21.24 -2.86 -9.53
C GLN A 101 -22.39 -3.80 -9.13
N ASP A 102 -22.10 -4.82 -8.34
CA ASP A 102 -23.10 -5.72 -7.80
C ASP A 102 -23.78 -5.14 -6.57
N ARG A 103 -23.57 -3.84 -6.33
CA ARG A 103 -24.27 -3.04 -5.33
C ARG A 103 -23.90 -3.42 -3.90
N HIS A 104 -22.68 -3.87 -3.67
CA HIS A 104 -22.14 -4.08 -2.33
C HIS A 104 -21.14 -2.97 -2.04
N THR A 105 -21.18 -2.44 -0.82
CA THR A 105 -20.06 -1.67 -0.31
C THR A 105 -18.88 -2.62 -0.16
N VAL A 106 -17.70 -2.18 -0.57
CA VAL A 106 -16.54 -3.06 -0.68
C VAL A 106 -15.38 -2.45 0.09
N TYR A 107 -14.89 -3.19 1.09
CA TYR A 107 -13.69 -2.85 1.83
C TYR A 107 -12.54 -3.72 1.35
N THR A 108 -11.38 -3.12 1.15
CA THR A 108 -10.16 -3.88 0.87
C THR A 108 -9.13 -3.42 1.89
N ILE A 109 -8.39 -4.35 2.45
CA ILE A 109 -7.41 -3.99 3.45
C ILE A 109 -6.01 -4.28 2.92
N ASP A 110 -5.03 -3.60 3.53
CA ASP A 110 -3.64 -4.02 3.53
C ASP A 110 -3.38 -4.36 5.00
N GLN A 111 -3.23 -5.64 5.30
CA GLN A 111 -3.12 -6.05 6.70
C GLN A 111 -1.83 -5.52 7.32
N PRO A 112 -1.72 -5.49 8.64
CA PRO A 112 -0.47 -5.04 9.27
C PRO A 112 0.71 -5.82 8.72
N GLY A 113 1.78 -5.11 8.40
CA GLY A 113 2.96 -5.73 7.84
C GLY A 113 2.99 -5.85 6.33
N ARG A 114 1.93 -5.42 5.64
CA ARG A 114 1.84 -5.56 4.18
C ARG A 114 1.35 -4.26 3.55
N GLY A 115 1.96 -3.86 2.44
CA GLY A 115 1.46 -2.72 1.67
C GLY A 115 1.38 -1.48 2.54
N ARG A 116 0.22 -0.86 2.56
CA ARG A 116 0.03 0.37 3.33
C ARG A 116 -0.16 0.13 4.81
N GLY A 117 -0.28 -1.14 5.22
CA GLY A 117 -0.21 -1.45 6.63
C GLY A 117 1.17 -1.14 7.19
N ASN A 118 1.28 -1.07 8.51
CA ASN A 118 2.56 -0.69 9.10
C ASN A 118 3.57 -1.81 9.03
N ILE A 119 4.81 -1.42 8.74
CA ILE A 119 5.96 -2.32 8.90
C ILE A 119 6.74 -1.81 10.11
N PRO A 120 6.75 -2.53 11.23
CA PRO A 120 7.30 -1.95 12.47
C PRO A 120 8.81 -1.96 12.52
N THR A 121 9.41 -0.85 12.13
CA THR A 121 10.85 -0.73 12.26
C THR A 121 11.19 0.70 12.65
N PHE A 122 12.42 0.89 13.11
CA PHE A 122 12.76 2.10 13.85
C PHE A 122 14.17 2.49 13.42
N ASN A 123 14.89 3.24 14.27
CA ASN A 123 16.28 3.57 14.03
C ASN A 123 17.22 2.52 14.60
N GLY A 124 17.74 1.67 13.73
CA GLY A 124 18.52 0.54 14.13
C GLY A 124 18.24 -0.62 13.22
N PRO A 125 18.86 -1.76 13.50
CA PRO A 125 18.62 -2.97 12.70
C PRO A 125 17.12 -3.20 12.55
N PHE A 126 16.72 -3.62 11.35
CA PHE A 126 15.30 -3.86 11.05
C PHE A 126 14.56 -4.51 12.21
N GLY A 127 13.45 -3.87 12.61
CA GLY A 127 12.54 -4.43 13.58
C GLY A 127 12.95 -4.28 15.02
N GLN A 128 14.11 -3.69 15.30
CA GLN A 128 14.65 -3.58 16.65
C GLN A 128 14.47 -2.17 17.17
N LEU A 129 13.90 -2.07 18.37
CA LEU A 129 13.73 -0.82 19.11
C LEU A 129 14.62 -0.93 20.33
N GLU A 130 15.82 -0.36 20.26
CA GLU A 130 16.85 -0.58 21.27
C GLU A 130 17.05 -2.09 21.44
N GLU A 131 16.84 -2.64 22.64
CA GLU A 131 17.08 -4.07 22.84
C GLU A 131 15.83 -4.90 22.62
N GLU A 132 14.71 -4.28 22.30
CA GLU A 132 13.48 -5.02 22.07
C GLU A 132 13.35 -5.35 20.59
N SER A 133 13.17 -6.63 20.30
CA SER A 133 12.92 -7.10 18.94
C SER A 133 11.42 -7.08 18.72
N ILE A 134 10.94 -6.10 17.94
CA ILE A 134 9.51 -6.04 17.66
C ILE A 134 9.14 -7.00 16.53
N VAL A 135 9.94 -7.01 15.45
CA VAL A 135 9.88 -8.07 14.45
C VAL A 135 11.32 -8.50 14.19
N ASN A 136 11.46 -9.69 13.59
CA ASN A 136 12.78 -10.22 13.33
C ASN A 136 13.53 -9.41 12.26
N THR A 137 14.84 -9.26 12.47
CA THR A 137 15.70 -8.60 11.48
C THR A 137 15.92 -9.49 10.25
N VAL A 138 15.93 -10.81 10.44
CA VAL A 138 16.06 -11.75 9.33
C VAL A 138 14.68 -11.95 8.71
N THR A 139 14.55 -11.68 7.41
CA THR A 139 13.27 -11.83 6.73
C THR A 139 13.20 -13.12 5.93
N GLY A 140 11.99 -13.46 5.52
CA GLY A 140 11.78 -14.49 4.52
C GLY A 140 10.93 -13.95 3.41
N ASN A 141 11.11 -14.49 2.22
CA ASN A 141 10.37 -14.01 1.07
C ASN A 141 10.40 -15.07 -0.02
N SER A 142 9.24 -15.33 -0.63
CA SER A 142 9.21 -16.24 -1.76
C SER A 142 9.95 -15.63 -2.95
N SER A 143 10.38 -16.50 -3.85
CA SER A 143 10.88 -16.10 -5.15
C SER A 143 9.76 -16.17 -6.17
N LYS A 144 10.05 -15.66 -7.36
CA LYS A 144 9.16 -15.85 -8.49
C LYS A 144 8.92 -17.33 -8.73
N GLU A 145 9.98 -18.14 -8.65
CA GLU A 145 9.87 -19.57 -8.90
C GLU A 145 8.99 -20.27 -7.88
N GLY A 146 9.19 -19.97 -6.60
CA GLY A 146 8.35 -20.57 -5.58
C GLY A 146 6.90 -20.15 -5.72
N ALA A 147 6.67 -18.89 -6.09
CA ALA A 147 5.29 -18.44 -6.23
C ALA A 147 4.64 -18.99 -7.47
N TRP A 148 5.41 -19.19 -8.55
CA TRP A 148 4.86 -19.80 -9.75
C TRP A 148 4.23 -21.15 -9.43
N VAL A 149 4.93 -21.99 -8.67
CA VAL A 149 4.39 -23.32 -8.41
C VAL A 149 3.39 -23.30 -7.26
N ARG A 150 3.59 -22.44 -6.26
CA ARG A 150 2.58 -22.25 -5.22
C ARG A 150 1.22 -21.88 -5.80
N ASP A 151 1.19 -21.01 -6.80
CA ASP A 151 -0.08 -20.57 -7.34
C ASP A 151 -0.56 -21.43 -8.48
N ARG A 152 0.15 -22.53 -8.79
CA ARG A 152 -0.24 -23.50 -9.80
C ARG A 152 -0.49 -22.88 -11.16
N LEU A 153 0.37 -21.93 -11.53
CA LEU A 153 0.40 -21.49 -12.93
C LEU A 153 0.72 -22.68 -13.82
N GLY A 154 1.61 -23.54 -13.33
CA GLY A 154 2.03 -24.75 -14.00
C GLY A 154 2.84 -25.56 -13.02
N PRO A 155 3.37 -26.70 -13.48
CA PRO A 155 4.12 -27.59 -12.57
C PRO A 155 5.52 -27.11 -12.23
N ALA A 156 6.14 -26.28 -13.07
CA ALA A 156 7.49 -25.79 -12.85
C ALA A 156 7.57 -24.34 -13.32
N PRO A 157 8.48 -23.55 -12.77
CA PRO A 157 8.58 -22.14 -13.17
C PRO A 157 8.71 -22.01 -14.68
N GLY A 158 7.93 -21.09 -15.24
CA GLY A 158 7.96 -20.80 -16.64
C GLY A 158 7.06 -21.68 -17.48
N GLN A 159 6.53 -22.75 -16.92
CA GLN A 159 5.63 -23.65 -17.64
C GLN A 159 4.21 -23.44 -17.17
N PHE A 160 3.27 -23.40 -18.13
CA PHE A 160 1.85 -23.27 -17.83
C PHE A 160 1.12 -24.59 -18.05
N PHE A 161 0.14 -24.87 -17.18
CA PHE A 161 -0.82 -25.90 -17.50
C PHE A 161 -1.53 -25.50 -18.79
N GLU A 162 -1.83 -26.49 -19.64
CA GLU A 162 -2.52 -26.18 -20.90
C GLU A 162 -3.82 -25.43 -20.67
N ASN A 163 -4.54 -25.72 -19.60
CA ASN A 163 -5.86 -25.15 -19.38
C ASN A 163 -5.81 -23.84 -18.61
N SER A 164 -4.60 -23.33 -18.31
CA SER A 164 -4.46 -22.22 -17.37
C SER A 164 -5.34 -21.04 -17.71
N GLN A 165 -6.01 -20.52 -16.68
CA GLN A 165 -6.72 -19.24 -16.74
C GLN A 165 -5.82 -18.06 -16.40
N PHE A 166 -4.53 -18.29 -16.16
CA PHE A 166 -3.65 -17.18 -15.85
C PHE A 166 -3.57 -16.21 -17.03
N PRO A 167 -3.48 -14.89 -16.77
CA PRO A 167 -3.25 -13.90 -17.85
C PRO A 167 -1.81 -13.93 -18.36
N ARG A 168 -1.51 -14.88 -19.24
CA ARG A 168 -0.19 -14.99 -19.81
C ARG A 168 0.25 -13.68 -20.45
N GLY A 169 1.56 -13.46 -20.40
CA GLY A 169 2.16 -12.24 -20.90
C GLY A 169 2.27 -11.16 -19.85
N TYR A 170 1.62 -11.35 -18.70
CA TYR A 170 1.63 -10.36 -17.63
C TYR A 170 2.27 -10.92 -16.37
N GLU A 171 3.21 -11.86 -16.54
CA GLU A 171 3.85 -12.51 -15.41
C GLU A 171 4.60 -11.49 -14.54
N ASP A 172 5.38 -10.61 -15.17
CA ASP A 172 6.11 -9.62 -14.38
C ASP A 172 5.15 -8.81 -13.53
N ASN A 173 4.08 -8.32 -14.13
CA ASN A 173 3.10 -7.51 -13.40
C ASN A 173 2.56 -8.29 -12.20
N TYR A 174 2.27 -9.58 -12.41
CA TYR A 174 1.74 -10.44 -11.36
C TYR A 174 2.74 -10.58 -10.21
N PHE A 175 3.95 -11.03 -10.51
CA PHE A 175 4.88 -11.28 -9.42
C PHE A 175 5.34 -10.00 -8.73
N LYS A 176 5.26 -8.87 -9.42
CA LYS A 176 5.63 -7.60 -8.81
C LYS A 176 4.71 -7.23 -7.67
N GLU A 177 3.52 -7.82 -7.61
CA GLU A 177 2.60 -7.51 -6.53
C GLU A 177 2.94 -8.23 -5.23
N MET A 178 3.93 -9.12 -5.23
CA MET A 178 4.20 -9.94 -4.06
C MET A 178 5.41 -9.44 -3.29
N GLY A 179 5.38 -9.64 -1.97
CA GLY A 179 6.52 -9.24 -1.17
C GLY A 179 6.55 -9.93 0.17
N PHE A 180 7.54 -9.55 0.96
CA PHE A 180 7.79 -10.15 2.27
C PHE A 180 6.78 -9.64 3.29
N SER A 181 6.68 -10.36 4.40
CA SER A 181 5.93 -9.87 5.55
C SER A 181 6.82 -9.97 6.78
N PRO A 182 6.91 -8.93 7.60
CA PRO A 182 7.67 -9.03 8.84
C PRO A 182 6.93 -9.95 9.81
N SER A 183 7.62 -10.32 10.88
CA SER A 183 7.13 -11.34 11.80
C SER A 183 6.11 -10.80 12.80
N ILE A 184 5.17 -9.97 12.34
CA ILE A 184 4.08 -9.54 13.19
C ILE A 184 3.28 -10.77 13.61
N SER A 185 2.93 -10.83 14.90
CA SER A 185 2.18 -11.97 15.38
C SER A 185 0.82 -12.04 14.69
N SER A 186 0.39 -13.26 14.36
CA SER A 186 -0.93 -13.43 13.78
C SER A 186 -2.01 -12.87 14.70
N ASP A 187 -1.79 -12.94 16.02
CA ASP A 187 -2.77 -12.40 16.96
C ASP A 187 -3.02 -10.91 16.69
N GLU A 188 -1.97 -10.16 16.40
CA GLU A 188 -2.14 -8.74 16.18
C GLU A 188 -2.78 -8.45 14.82
N ILE A 189 -2.60 -9.34 13.84
CA ILE A 189 -3.27 -9.17 12.57
C ILE A 189 -4.77 -9.43 12.73
N VAL A 190 -5.12 -10.52 13.41
CA VAL A 190 -6.53 -10.81 13.68
C VAL A 190 -7.14 -9.66 14.49
N ASP A 191 -6.39 -9.14 15.46
CA ASP A 191 -6.91 -8.05 16.28
C ASP A 191 -7.31 -6.86 15.44
N ALA A 192 -6.48 -6.50 14.45
CA ALA A 192 -6.80 -5.34 13.63
C ALA A 192 -8.09 -5.57 12.85
N VAL A 193 -8.27 -6.77 12.30
CA VAL A 193 -9.47 -7.01 11.51
C VAL A 193 -10.70 -7.11 12.41
N VAL A 194 -10.55 -7.66 13.61
CA VAL A 194 -11.69 -7.67 14.53
C VAL A 194 -12.15 -6.25 14.80
N LYS A 195 -11.19 -5.34 15.01
CA LYS A 195 -11.56 -3.95 15.22
C LYS A 195 -12.24 -3.34 14.01
N LEU A 196 -11.77 -3.68 12.80
CA LEU A 196 -12.45 -3.22 11.60
C LEU A 196 -13.87 -3.76 11.54
N VAL A 197 -14.04 -5.06 11.81
CA VAL A 197 -15.36 -5.66 11.75
C VAL A 197 -16.28 -5.01 12.79
N THR A 198 -15.74 -4.68 13.96
CA THR A 198 -16.54 -3.95 14.94
C THR A 198 -16.96 -2.59 14.39
N HIS A 199 -16.04 -1.89 13.72
CA HIS A 199 -16.35 -0.60 13.15
C HIS A 199 -17.38 -0.72 12.03
N ILE A 200 -17.26 -1.75 11.21
CA ILE A 200 -18.10 -1.85 10.01
C ILE A 200 -19.52 -2.25 10.37
N GLY A 201 -19.69 -3.18 11.30
CA GLY A 201 -20.97 -3.81 11.50
C GLY A 201 -21.03 -5.11 10.73
N PRO A 202 -22.23 -5.70 10.63
CA PRO A 202 -22.37 -6.97 9.91
C PRO A 202 -21.76 -6.94 8.52
N CYS A 203 -20.99 -7.97 8.20
CA CYS A 203 -20.24 -7.96 6.94
C CYS A 203 -19.92 -9.41 6.57
N VAL A 204 -19.30 -9.57 5.41
CA VAL A 204 -18.87 -10.86 4.90
C VAL A 204 -17.38 -10.75 4.66
N LEU A 205 -16.62 -11.77 5.09
CA LEU A 205 -15.19 -11.81 4.80
C LEU A 205 -14.95 -12.65 3.57
N VAL A 206 -14.18 -12.10 2.63
CA VAL A 206 -13.67 -12.82 1.48
C VAL A 206 -12.16 -12.89 1.63
N THR A 207 -11.65 -14.09 1.84
CA THR A 207 -10.26 -14.33 2.19
C THR A 207 -9.57 -15.12 1.09
N HIS A 208 -8.27 -15.30 1.27
CA HIS A 208 -7.40 -15.82 0.22
C HIS A 208 -6.17 -16.41 0.86
N ALA A 209 -5.86 -17.67 0.54
CA ALA A 209 -4.56 -18.24 0.88
C ALA A 209 -4.25 -18.03 2.35
N ALA A 210 -3.19 -17.28 2.68
CA ALA A 210 -2.82 -17.10 4.08
C ALA A 210 -3.88 -16.40 4.93
N SER A 211 -4.79 -15.61 4.34
CA SER A 211 -5.78 -14.96 5.20
C SER A 211 -6.98 -15.86 5.49
N GLY A 212 -7.04 -17.05 4.88
CA GLY A 212 -8.09 -17.99 5.18
C GLY A 212 -8.20 -18.31 6.66
N VAL A 213 -7.12 -18.81 7.26
CA VAL A 213 -7.19 -19.17 8.68
C VAL A 213 -7.42 -17.94 9.54
N LEU A 214 -6.83 -16.79 9.15
CA LEU A 214 -7.01 -15.57 9.93
C LEU A 214 -8.46 -15.13 9.91
N GLY A 215 -9.12 -15.27 8.76
CA GLY A 215 -10.51 -14.90 8.66
C GLY A 215 -11.40 -15.82 9.48
N MET A 216 -11.05 -17.10 9.55
CA MET A 216 -11.81 -18.00 10.41
C MET A 216 -11.67 -17.57 11.86
N ARG A 217 -10.45 -17.21 12.25
CA ARG A 217 -10.22 -16.75 13.61
C ARG A 217 -11.00 -15.48 13.90
N VAL A 218 -11.00 -14.52 12.96
CA VAL A 218 -11.78 -13.30 13.17
C VAL A 218 -13.26 -13.64 13.40
N ALA A 219 -13.80 -14.56 12.58
CA ALA A 219 -15.21 -14.89 12.74
C ALA A 219 -15.51 -15.40 14.15
N THR A 220 -14.59 -16.17 14.74
CA THR A 220 -14.85 -16.71 16.07
C THR A 220 -14.79 -15.65 17.15
N HIS A 221 -14.20 -14.49 16.86
CA HIS A 221 -14.13 -13.38 17.80
C HIS A 221 -15.13 -12.29 17.48
N ALA A 222 -15.82 -12.36 16.34
CA ALA A 222 -16.60 -11.23 15.84
C ALA A 222 -17.90 -11.75 15.23
N LYS A 223 -19.00 -11.60 15.99
CA LYS A 223 -20.30 -12.02 15.51
C LYS A 223 -20.77 -11.22 14.31
N ASN A 224 -20.14 -10.07 14.04
CA ASN A 224 -20.53 -9.30 12.87
C ASN A 224 -20.16 -10.01 11.59
N VAL A 225 -19.23 -10.96 11.62
CA VAL A 225 -18.92 -11.70 10.40
C VAL A 225 -20.10 -12.64 10.15
N ARG A 226 -20.83 -12.40 9.06
N ARG A 226 -20.83 -12.40 9.06
CA ARG A 226 -22.03 -13.16 8.77
CA ARG A 226 -22.03 -13.17 8.78
C ARG A 226 -21.82 -14.19 7.67
C ARG A 226 -21.81 -14.22 7.70
N GLY A 227 -20.59 -14.34 7.19
CA GLY A 227 -20.31 -15.31 6.17
C GLY A 227 -18.84 -15.21 5.80
N ILE A 228 -18.32 -16.32 5.29
CA ILE A 228 -16.94 -16.36 4.84
C ILE A 228 -16.89 -17.08 3.51
N VAL A 229 -16.19 -16.49 2.55
CA VAL A 229 -15.77 -17.19 1.34
C VAL A 229 -14.26 -17.10 1.31
N ALA A 230 -13.59 -18.25 1.27
CA ALA A 230 -12.13 -18.30 1.32
C ALA A 230 -11.63 -18.92 0.03
N TYR A 231 -10.86 -18.17 -0.73
CA TYR A 231 -10.24 -18.67 -1.95
C TYR A 231 -8.93 -19.35 -1.61
N GLU A 232 -8.83 -20.66 -1.89
CA GLU A 232 -7.61 -21.44 -1.72
C GLU A 232 -6.91 -21.17 -0.40
N PRO A 233 -7.59 -21.39 0.74
CA PRO A 233 -6.99 -21.11 2.04
C PRO A 233 -5.76 -21.98 2.26
N ALA A 234 -4.76 -21.42 2.95
CA ALA A 234 -3.47 -22.11 3.07
C ALA A 234 -3.33 -22.95 4.33
N THR A 235 -4.02 -22.60 5.41
CA THR A 235 -3.85 -23.31 6.69
C THR A 235 -5.21 -23.75 7.18
N SER A 236 -5.31 -25.03 7.53
CA SER A 236 -6.56 -25.58 8.05
C SER A 236 -6.72 -25.26 9.54
N ILE A 237 -7.95 -25.34 10.02
CA ILE A 237 -8.26 -25.03 11.42
C ILE A 237 -9.16 -26.12 12.01
N PHE A 238 -8.87 -26.48 13.25
CA PHE A 238 -9.58 -27.57 13.93
C PHE A 238 -9.77 -27.23 15.40
N PRO A 239 -10.73 -27.88 16.06
CA PRO A 239 -10.83 -27.74 17.52
C PRO A 239 -9.58 -28.28 18.19
N LYS A 240 -9.19 -27.63 19.29
CA LYS A 240 -8.02 -28.06 20.03
C LYS A 240 -8.13 -29.53 20.40
N GLY A 241 -7.07 -30.29 20.12
CA GLY A 241 -7.01 -31.71 20.42
C GLY A 241 -7.81 -32.60 19.50
N LYS A 242 -8.44 -32.05 18.46
CA LYS A 242 -9.24 -32.85 17.53
C LYS A 242 -8.76 -32.66 16.10
N VAL A 243 -7.45 -32.60 15.91
CA VAL A 243 -6.88 -32.57 14.57
C VAL A 243 -6.90 -34.00 14.02
N PRO A 244 -7.56 -34.25 12.90
CA PRO A 244 -7.59 -35.61 12.35
C PRO A 244 -6.23 -36.00 11.79
N GLU A 245 -6.12 -37.29 11.45
CA GLU A 245 -4.93 -37.80 10.80
C GLU A 245 -4.79 -37.16 9.42
N ILE A 246 -3.63 -36.55 9.18
CA ILE A 246 -3.35 -35.90 7.91
C ILE A 246 -2.04 -36.50 7.41
N PRO A 247 -2.00 -37.03 6.18
CA PRO A 247 -0.77 -37.71 5.72
C PRO A 247 0.33 -36.72 5.43
N PRO A 248 1.58 -37.17 5.45
CA PRO A 248 2.66 -36.35 4.90
C PRO A 248 2.46 -36.19 3.41
N LEU A 249 3.32 -35.37 2.81
CA LEU A 249 3.34 -35.25 1.35
C LEU A 249 3.91 -36.52 0.73
N ALA A 250 3.87 -36.56 -0.61
CA ALA A 250 4.28 -37.76 -1.35
C ALA A 250 5.76 -38.07 -1.18
N ASP A 251 6.57 -37.07 -0.83
CA ASP A 251 7.97 -37.36 -0.57
C ASP A 251 8.19 -38.10 0.74
N LYS A 252 7.13 -38.32 1.50
CA LYS A 252 7.18 -39.03 2.78
C LYS A 252 8.12 -38.36 3.77
N LYS A 253 8.33 -37.06 3.59
CA LYS A 253 9.13 -36.27 4.51
C LYS A 253 8.52 -34.91 4.82
N SER A 254 7.78 -34.30 3.91
CA SER A 254 7.21 -32.98 4.11
C SER A 254 5.80 -33.07 4.67
N GLN A 255 5.38 -31.99 5.31
CA GLN A 255 4.05 -31.86 5.88
C GLN A 255 3.41 -30.60 5.32
N ILE A 256 2.09 -30.53 5.42
CA ILE A 256 1.41 -29.27 5.10
C ILE A 256 1.60 -28.32 6.27
N PHE A 257 1.00 -27.14 6.22
CA PHE A 257 1.13 -26.22 7.33
C PHE A 257 0.45 -26.81 8.56
N PRO A 258 1.08 -26.78 9.73
CA PRO A 258 0.44 -27.31 10.95
C PRO A 258 -0.92 -26.68 11.13
N PRO A 259 -1.98 -27.49 11.25
CA PRO A 259 -3.32 -26.92 11.40
C PRO A 259 -3.40 -26.04 12.64
N PHE A 260 -4.14 -24.95 12.51
CA PHE A 260 -4.37 -24.10 13.67
C PHE A 260 -5.44 -24.72 14.55
N GLU A 261 -5.21 -24.72 15.86
CA GLU A 261 -6.16 -25.29 16.80
C GLU A 261 -6.76 -24.20 17.68
N ILE A 262 -8.08 -24.19 17.82
CA ILE A 262 -8.75 -23.22 18.68
C ILE A 262 -9.66 -23.97 19.64
N GLN A 263 -9.92 -23.35 20.78
CA GLN A 263 -10.88 -23.88 21.75
C GLN A 263 -12.21 -24.19 21.09
N GLU A 264 -12.80 -25.33 21.44
CA GLU A 264 -14.05 -25.73 20.79
C GLU A 264 -15.15 -24.69 20.97
N SER A 265 -15.16 -23.96 22.11
CA SER A 265 -16.20 -22.94 22.27
C SER A 265 -16.08 -21.85 21.21
N TYR A 266 -14.86 -21.58 20.76
CA TYR A 266 -14.67 -20.64 19.66
C TYR A 266 -14.95 -21.30 18.31
N PHE A 267 -14.42 -22.51 18.12
CA PHE A 267 -14.67 -23.23 16.87
C PHE A 267 -16.15 -23.29 16.54
N LYS A 268 -16.98 -23.53 17.55
CA LYS A 268 -18.39 -23.75 17.27
C LYS A 268 -19.06 -22.49 16.74
N LYS A 269 -18.45 -21.31 16.94
CA LYS A 269 -19.02 -20.12 16.31
C LYS A 269 -18.99 -20.22 14.79
N LEU A 270 -18.07 -21.06 14.25
CA LEU A 270 -17.99 -21.23 12.81
C LEU A 270 -19.20 -21.97 12.26
N ALA A 271 -19.95 -22.67 13.12
CA ALA A 271 -21.13 -23.37 12.63
C ALA A 271 -22.34 -22.46 12.49
N LYS A 272 -22.23 -21.20 12.91
CA LYS A 272 -23.36 -20.28 12.94
C LYS A 272 -23.49 -19.43 11.69
N ILE A 273 -22.57 -19.53 10.73
CA ILE A 273 -22.60 -18.71 9.52
C ILE A 273 -22.25 -19.58 8.33
N PRO A 274 -22.70 -19.18 7.14
CA PRO A 274 -22.31 -19.91 5.93
C PRO A 274 -20.84 -19.69 5.60
N ILE A 275 -20.15 -20.78 5.28
CA ILE A 275 -18.73 -20.75 4.95
C ILE A 275 -18.54 -21.52 3.67
N GLN A 276 -17.82 -20.93 2.72
CA GLN A 276 -17.47 -21.62 1.49
C GLN A 276 -15.98 -21.50 1.26
N PHE A 277 -15.32 -22.64 1.00
CA PHE A 277 -13.94 -22.66 0.52
C PHE A 277 -13.95 -22.91 -0.98
N VAL A 278 -13.18 -22.13 -1.73
CA VAL A 278 -13.18 -22.22 -3.18
C VAL A 278 -11.80 -22.66 -3.63
N PHE A 279 -11.73 -23.75 -4.39
CA PHE A 279 -10.47 -24.20 -4.97
C PHE A 279 -10.53 -24.17 -6.48
N GLY A 280 -9.40 -23.82 -7.11
CA GLY A 280 -9.27 -23.81 -8.55
C GLY A 280 -8.97 -25.20 -9.08
N ASP A 281 -8.17 -25.24 -10.14
CA ASP A 281 -7.90 -26.46 -10.90
C ASP A 281 -6.47 -26.94 -10.70
N ASN A 282 -6.20 -28.13 -11.28
CA ASN A 282 -4.87 -28.71 -11.36
C ASN A 282 -4.29 -29.07 -10.00
N ILE A 283 -5.16 -29.34 -9.02
CA ILE A 283 -4.75 -29.97 -7.77
C ILE A 283 -4.82 -31.47 -8.02
N PRO A 284 -3.68 -32.19 -7.87
CA PRO A 284 -3.80 -33.61 -8.16
C PRO A 284 -4.65 -34.39 -7.22
N LYS A 285 -5.24 -35.44 -7.75
CA LYS A 285 -5.98 -36.35 -6.89
C LYS A 285 -5.07 -37.39 -6.25
N ASN A 286 -4.00 -37.71 -6.94
CA ASN A 286 -3.08 -38.69 -6.44
C ASN A 286 -1.69 -38.12 -6.05
N PRO A 287 -1.00 -38.84 -5.20
CA PRO A 287 0.31 -38.37 -4.81
C PRO A 287 1.20 -37.93 -5.99
N LYS A 288 1.95 -36.85 -5.82
CA LYS A 288 2.74 -36.29 -6.88
C LYS A 288 4.08 -35.92 -6.35
N SER A 289 4.98 -36.87 -6.30
CA SER A 289 6.27 -36.64 -5.67
C SER A 289 7.19 -35.71 -6.42
N ALA A 290 6.97 -35.62 -7.69
CA ALA A 290 7.80 -34.76 -8.51
C ALA A 290 7.53 -33.27 -8.39
N TYR A 291 6.33 -32.94 -7.95
CA TYR A 291 5.94 -31.54 -7.88
C TYR A 291 5.48 -31.22 -6.48
N TRP A 292 6.35 -30.65 -5.70
CA TRP A 292 6.11 -30.51 -4.27
C TRP A 292 4.85 -29.69 -3.98
N PHE A 293 4.72 -28.50 -4.58
CA PHE A 293 3.53 -27.70 -4.26
C PHE A 293 2.23 -28.24 -4.83
N LEU A 294 2.28 -28.98 -5.92
CA LEU A 294 1.05 -29.62 -6.37
C LEU A 294 0.58 -30.62 -5.32
N ASP A 295 1.51 -31.44 -4.84
CA ASP A 295 1.17 -32.42 -3.81
C ASP A 295 0.76 -31.73 -2.51
N TRP A 296 1.43 -30.64 -2.16
CA TRP A 296 1.07 -29.87 -0.97
C TRP A 296 -0.37 -29.42 -1.04
N TRP A 297 -0.80 -28.94 -2.21
CA TRP A 297 -2.19 -28.54 -2.39
C TRP A 297 -3.15 -29.72 -2.30
N ARG A 298 -2.73 -30.91 -2.77
CA ARG A 298 -3.60 -32.07 -2.65
C ARG A 298 -3.89 -32.35 -1.18
N VAL A 299 -2.85 -32.33 -0.34
CA VAL A 299 -3.08 -32.67 1.06
C VAL A 299 -3.69 -31.50 1.83
N THR A 300 -3.35 -30.27 1.47
CA THR A 300 -3.97 -29.13 2.11
C THR A 300 -5.45 -29.06 1.83
N ARG A 301 -5.84 -29.28 0.56
CA ARG A 301 -7.26 -29.34 0.26
C ARG A 301 -7.95 -30.44 1.06
N TYR A 302 -7.29 -31.59 1.19
CA TYR A 302 -7.89 -32.69 1.94
C TYR A 302 -8.07 -32.30 3.41
N ALA A 303 -7.07 -31.61 3.99
CA ALA A 303 -7.21 -31.17 5.37
C ALA A 303 -8.38 -30.20 5.53
N HIS A 304 -8.52 -29.26 4.59
CA HIS A 304 -9.67 -28.34 4.64
C HIS A 304 -10.98 -29.08 4.54
N SER A 305 -11.05 -30.12 3.70
CA SER A 305 -12.28 -30.89 3.61
C SER A 305 -12.67 -31.46 4.97
N LEU A 306 -11.67 -31.88 5.76
CA LEU A 306 -11.97 -32.39 7.10
C LEU A 306 -12.34 -31.27 8.08
N SER A 307 -11.75 -30.09 7.89
CA SER A 307 -12.10 -28.93 8.69
C SER A 307 -13.56 -28.55 8.48
N LEU A 308 -13.97 -28.48 7.22
CA LEU A 308 -15.36 -28.17 6.92
C LEU A 308 -16.28 -29.23 7.48
N GLU A 309 -15.89 -30.51 7.38
CA GLU A 309 -16.72 -31.57 7.92
C GLU A 309 -16.90 -31.41 9.42
N ALA A 310 -15.84 -30.99 10.11
CA ALA A 310 -15.94 -30.81 11.56
C ALA A 310 -16.89 -29.68 11.91
N ILE A 311 -16.91 -28.63 11.08
CA ILE A 311 -17.86 -27.54 11.26
C ILE A 311 -19.29 -28.03 11.06
N ASN A 312 -19.48 -28.87 10.04
CA ASN A 312 -20.84 -29.32 9.76
C ASN A 312 -21.33 -30.27 10.84
N LYS A 313 -20.42 -31.01 11.48
CA LYS A 313 -20.84 -31.87 12.58
C LYS A 313 -21.21 -31.10 13.83
N LEU A 314 -20.97 -29.79 13.83
CA LEU A 314 -21.38 -28.89 14.88
C LEU A 314 -22.63 -28.13 14.48
N GLY A 315 -23.32 -28.59 13.43
CA GLY A 315 -24.50 -27.96 12.92
C GLY A 315 -24.26 -26.89 11.88
N GLY A 316 -23.06 -26.83 11.30
CA GLY A 316 -22.69 -25.72 10.45
C GLY A 316 -23.21 -25.88 9.03
N GLN A 317 -22.81 -24.95 8.20
CA GLN A 317 -23.16 -24.98 6.79
C GLN A 317 -21.91 -24.57 6.03
N ALA A 318 -20.94 -25.47 6.00
CA ALA A 318 -19.63 -25.24 5.44
C ALA A 318 -19.45 -26.11 4.20
N SER A 319 -19.02 -25.51 3.10
CA SER A 319 -18.97 -26.23 1.84
C SER A 319 -17.65 -25.97 1.15
N LEU A 320 -17.28 -26.91 0.30
CA LEU A 320 -16.10 -26.81 -0.53
C LEU A 320 -16.56 -26.75 -1.96
N LEU A 321 -16.22 -25.66 -2.66
CA LEU A 321 -16.55 -25.49 -4.07
C LEU A 321 -15.29 -25.68 -4.88
N ASP A 322 -15.26 -26.75 -5.66
CA ASP A 322 -14.20 -26.95 -6.65
C ASP A 322 -14.67 -26.31 -7.94
N LEU A 323 -13.97 -25.26 -8.39
CA LEU A 323 -14.41 -24.56 -9.58
C LEU A 323 -14.61 -25.46 -10.79
N PRO A 324 -13.79 -26.50 -11.02
CA PRO A 324 -14.06 -27.37 -12.17
C PRO A 324 -15.44 -28.01 -12.14
N THR A 325 -15.96 -28.35 -10.96
CA THR A 325 -17.31 -28.91 -10.88
C THR A 325 -18.37 -27.88 -11.27
N ALA A 326 -18.07 -26.59 -11.19
CA ALA A 326 -18.96 -25.56 -11.68
C ALA A 326 -18.76 -25.26 -13.17
N GLY A 327 -17.90 -26.01 -13.84
CA GLY A 327 -17.64 -25.80 -15.25
C GLY A 327 -16.56 -24.79 -15.55
N LEU A 328 -15.78 -24.39 -14.55
CA LEU A 328 -14.67 -23.44 -14.72
C LEU A 328 -13.39 -24.25 -14.65
N ARG A 329 -12.65 -24.30 -15.75
CA ARG A 329 -11.42 -25.08 -15.82
C ARG A 329 -10.20 -24.17 -15.87
N GLY A 330 -9.14 -24.63 -15.20
CA GLY A 330 -7.83 -24.01 -15.30
C GLY A 330 -7.51 -22.92 -14.30
N ASN A 331 -8.34 -22.72 -13.28
CA ASN A 331 -8.05 -21.61 -12.37
C ASN A 331 -6.79 -21.87 -11.55
N THR A 332 -6.05 -20.78 -11.30
CA THR A 332 -4.87 -20.78 -10.45
C THR A 332 -5.33 -20.59 -9.00
N ALA A 333 -4.37 -20.39 -8.10
CA ALA A 333 -4.69 -20.15 -6.70
C ALA A 333 -5.16 -18.71 -6.45
N PHE A 334 -5.25 -17.88 -7.51
CA PHE A 334 -5.83 -16.54 -7.46
C PHE A 334 -7.02 -16.51 -8.44
N PRO A 335 -8.09 -17.27 -8.18
CA PRO A 335 -9.17 -17.33 -9.17
C PRO A 335 -9.78 -15.98 -9.50
N PHE A 336 -9.73 -15.06 -8.54
CA PHE A 336 -10.35 -13.74 -8.66
C PHE A 336 -9.52 -12.79 -9.51
N THR A 337 -8.31 -13.18 -9.97
CA THR A 337 -7.64 -12.36 -10.96
C THR A 337 -7.38 -13.10 -12.25
N ASP A 338 -7.85 -14.35 -12.37
CA ASP A 338 -7.68 -15.13 -13.58
C ASP A 338 -8.54 -14.55 -14.72
N ARG A 339 -8.34 -15.12 -15.91
CA ARG A 339 -9.05 -14.63 -17.09
C ARG A 339 -10.55 -14.80 -16.99
N ASN A 340 -11.03 -15.80 -16.23
CA ASN A 340 -12.46 -16.02 -16.06
C ASN A 340 -12.97 -15.45 -14.74
N ASN A 341 -12.32 -14.40 -14.22
CA ASN A 341 -12.69 -13.96 -12.88
C ASN A 341 -14.09 -13.37 -12.83
N VAL A 342 -14.66 -12.97 -13.97
CA VAL A 342 -16.07 -12.58 -13.97
C VAL A 342 -16.96 -13.78 -13.63
N GLN A 343 -16.62 -14.95 -14.19
CA GLN A 343 -17.43 -16.13 -13.87
C GLN A 343 -17.19 -16.56 -12.43
N VAL A 344 -15.95 -16.42 -11.94
CA VAL A 344 -15.70 -16.68 -10.52
C VAL A 344 -16.54 -15.74 -9.66
N ALA A 345 -16.59 -14.46 -10.05
CA ALA A 345 -17.38 -13.49 -9.29
C ALA A 345 -18.86 -13.88 -9.30
N SER A 346 -19.35 -14.40 -10.43
CA SER A 346 -20.75 -14.79 -10.48
C SER A 346 -21.06 -15.85 -9.43
N LEU A 347 -20.12 -16.77 -9.20
CA LEU A 347 -20.36 -17.82 -8.21
C LEU A 347 -20.34 -17.25 -6.80
N LEU A 348 -19.53 -16.21 -6.57
CA LEU A 348 -19.57 -15.55 -5.27
C LEU A 348 -20.89 -14.81 -5.08
N SER A 349 -21.37 -14.14 -6.13
CA SER A 349 -22.69 -13.52 -6.06
C SER A 349 -23.78 -14.54 -5.79
N ASP A 350 -23.62 -15.76 -6.34
CA ASP A 350 -24.60 -16.83 -6.09
C ASP A 350 -24.63 -17.19 -4.62
N PHE A 351 -23.44 -17.34 -4.02
CA PHE A 351 -23.34 -17.65 -2.60
C PHE A 351 -23.97 -16.55 -1.77
N LEU A 352 -23.64 -15.30 -2.06
CA LEU A 352 -24.20 -14.21 -1.30
C LEU A 352 -25.71 -14.19 -1.39
N GLY A 353 -26.21 -14.42 -2.58
CA GLY A 353 -27.65 -14.40 -2.77
C GLY A 353 -28.39 -15.57 -2.11
N LYS A 354 -27.84 -16.75 -2.20
CA LYS A 354 -28.43 -17.92 -1.53
C LYS A 354 -28.60 -17.70 -0.04
N HIS A 355 -27.64 -16.99 0.52
CA HIS A 355 -27.66 -16.78 1.97
C HIS A 355 -28.22 -15.42 2.43
N GLY A 356 -28.82 -14.72 1.50
CA GLY A 356 -29.44 -13.48 1.82
C GLY A 356 -28.51 -12.36 2.21
N LEU A 357 -27.27 -12.50 1.78
CA LEU A 357 -26.30 -11.50 2.12
C LEU A 357 -26.26 -10.39 1.07
N ASP A 358 -27.16 -10.43 0.10
CA ASP A 358 -27.27 -9.41 -0.92
C ASP A 358 -28.63 -8.70 -0.76
N GLN A 359 -29.20 -8.84 0.41
CA GLN A 359 -30.52 -8.30 0.72
C GLN A 359 -30.42 -7.41 1.95
N ASN A 360 -31.18 -6.31 1.94
CA ASN A 360 -31.21 -5.42 3.10
C ASN A 360 -32.22 -5.89 4.13
N LYS B 12 -20.67 16.20 -2.77
CA LYS B 12 -19.41 16.23 -2.03
C LYS B 12 -18.67 14.91 -2.10
N ARG B 13 -19.33 13.82 -1.70
CA ARG B 13 -18.61 12.55 -1.62
C ARG B 13 -18.81 11.67 -2.86
N LYS B 14 -19.85 11.91 -3.65
CA LYS B 14 -20.11 11.09 -4.82
C LYS B 14 -19.05 11.27 -5.89
N VAL B 15 -18.74 10.17 -6.58
CA VAL B 15 -17.68 10.11 -7.58
C VAL B 15 -18.10 9.11 -8.65
N VAL B 16 -17.99 9.52 -9.91
CA VAL B 16 -18.37 8.69 -11.05
C VAL B 16 -17.10 8.39 -11.86
N LEU B 17 -16.74 7.12 -11.96
CA LEU B 17 -15.52 6.73 -12.63
C LEU B 17 -15.84 5.98 -13.91
N ALA B 18 -15.28 6.45 -15.03
CA ALA B 18 -15.33 5.68 -16.27
C ALA B 18 -14.58 4.37 -16.10
N GLU B 19 -13.49 4.39 -15.36
CA GLU B 19 -12.70 3.19 -15.07
C GLU B 19 -11.83 3.52 -13.87
N GLN B 20 -11.39 2.47 -13.19
CA GLN B 20 -10.40 2.57 -12.14
C GLN B 20 -9.58 1.29 -12.14
N GLY B 21 -8.41 1.36 -11.56
CA GLY B 21 -7.59 0.17 -11.49
C GLY B 21 -6.25 0.48 -10.87
N SER B 22 -5.40 -0.54 -10.85
CA SER B 22 -4.04 -0.32 -10.39
C SER B 22 -3.12 -1.26 -11.13
N PHE B 23 -1.84 -0.96 -11.08
CA PHE B 23 -0.85 -1.78 -11.76
C PHE B 23 0.51 -1.51 -11.17
N TYR B 24 1.44 -2.41 -11.47
CA TYR B 24 2.85 -2.27 -11.09
C TYR B 24 3.65 -1.82 -12.31
N ILE B 25 4.62 -0.95 -12.08
CA ILE B 25 5.49 -0.47 -13.15
C ILE B 25 6.89 -0.28 -12.60
N GLY B 26 7.89 -0.43 -13.49
CA GLY B 26 9.27 -0.20 -13.09
C GLY B 26 9.84 -1.34 -12.28
N GLY B 27 11.07 -1.14 -11.84
CA GLY B 27 11.76 -2.14 -11.07
C GLY B 27 12.70 -2.97 -11.92
N ARG B 28 13.38 -3.88 -11.24
CA ARG B 28 14.32 -4.78 -11.89
C ARG B 28 14.29 -6.10 -11.14
N THR B 29 15.14 -7.00 -11.59
CA THR B 29 15.21 -8.28 -10.94
C THR B 29 16.62 -8.64 -10.44
N VAL B 30 16.65 -9.37 -9.34
CA VAL B 30 17.89 -9.85 -8.81
C VAL B 30 17.72 -11.33 -8.57
N THR B 31 18.85 -12.04 -8.59
CA THR B 31 18.81 -13.47 -8.46
C THR B 31 19.73 -14.07 -7.42
N GLY B 32 19.28 -15.16 -6.86
CA GLY B 32 20.10 -15.88 -5.94
C GLY B 32 20.86 -16.92 -6.73
N PRO B 33 21.65 -17.69 -6.01
CA PRO B 33 22.44 -18.72 -6.64
C PRO B 33 21.75 -20.04 -6.90
N GLY B 34 22.27 -20.80 -7.82
CA GLY B 34 21.80 -22.15 -8.01
C GLY B 34 20.55 -22.26 -8.85
N LYS B 35 19.90 -23.42 -8.74
CA LYS B 35 18.79 -23.81 -9.58
C LYS B 35 17.59 -24.16 -8.73
N PHE B 36 16.39 -23.90 -9.25
CA PHE B 36 15.15 -24.22 -8.56
C PHE B 36 14.70 -25.63 -8.91
N ASP B 37 14.50 -26.47 -7.89
CA ASP B 37 14.01 -27.84 -8.05
C ASP B 37 12.58 -27.95 -7.55
N PRO B 38 11.59 -28.09 -8.44
CA PRO B 38 10.19 -28.13 -7.97
C PRO B 38 9.81 -29.36 -7.19
N SER B 39 10.71 -30.36 -7.10
CA SER B 39 10.44 -31.54 -6.29
C SER B 39 10.86 -31.37 -4.84
N LYS B 40 11.69 -30.45 -4.58
CA LYS B 40 12.19 -30.15 -3.25
C LYS B 40 11.23 -29.22 -2.51
N PRO B 41 11.19 -29.27 -1.18
CA PRO B 41 10.24 -28.43 -0.45
C PRO B 41 10.47 -26.96 -0.78
N VAL B 42 9.40 -26.29 -1.20
CA VAL B 42 9.49 -24.88 -1.56
C VAL B 42 9.39 -23.99 -0.33
N ILE B 43 8.77 -24.47 0.74
CA ILE B 43 8.76 -23.82 2.04
C ILE B 43 9.52 -24.71 3.01
N ARG B 44 10.41 -24.13 3.82
CA ARG B 44 10.67 -22.69 3.91
C ARG B 44 11.36 -22.06 2.72
N TYR B 45 11.06 -20.78 2.51
CA TYR B 45 11.53 -20.09 1.33
C TYR B 45 13.04 -19.94 1.36
N SER B 46 13.65 -20.14 0.21
CA SER B 46 15.09 -20.11 0.05
C SER B 46 15.46 -19.13 -1.06
N ASN B 47 16.71 -18.64 -1.01
CA ASN B 47 17.26 -17.86 -2.12
C ASN B 47 17.80 -18.73 -3.26
N GLU B 48 17.85 -20.05 -3.09
CA GLU B 48 18.46 -20.90 -4.10
C GLU B 48 17.58 -20.97 -5.35
N GLY B 49 18.18 -20.67 -6.49
CA GLY B 49 17.43 -20.62 -7.74
C GLY B 49 16.37 -19.55 -7.78
N ALA B 50 16.54 -18.47 -7.03
CA ALA B 50 15.48 -17.49 -6.81
C ALA B 50 15.62 -16.29 -7.74
N THR B 51 14.50 -15.87 -8.32
CA THR B 51 14.38 -14.58 -9.00
C THR B 51 13.47 -13.69 -8.17
N PHE B 52 13.95 -12.49 -7.82
CA PHE B 52 13.15 -11.52 -7.07
C PHE B 52 12.93 -10.27 -7.90
N TYR B 53 11.67 -9.80 -7.97
CA TYR B 53 11.37 -8.50 -8.53
C TYR B 53 11.51 -7.44 -7.44
N ILE B 54 12.35 -6.43 -7.68
CA ILE B 54 12.61 -5.42 -6.66
C ILE B 54 12.43 -4.02 -7.24
N ASN B 55 12.07 -3.08 -6.34
CA ASN B 55 12.00 -1.65 -6.58
C ASN B 55 10.95 -1.26 -7.60
N GLN B 56 9.95 -2.11 -7.81
CA GLN B 56 8.78 -1.74 -8.59
C GLN B 56 7.87 -0.81 -7.79
N MET B 57 7.06 -0.06 -8.54
CA MET B 57 6.16 0.94 -7.99
C MET B 57 4.70 0.55 -8.22
N TYR B 58 3.86 0.84 -7.24
CA TYR B 58 2.42 0.66 -7.34
C TYR B 58 1.78 1.95 -7.85
N VAL B 59 0.82 1.81 -8.77
CA VAL B 59 0.10 2.93 -9.36
C VAL B 59 -1.39 2.65 -9.32
N ASN B 60 -2.17 3.60 -8.83
CA ASN B 60 -3.63 3.50 -8.88
C ASN B 60 -4.14 4.61 -9.78
N PHE B 61 -5.17 4.32 -10.56
CA PHE B 61 -5.74 5.36 -11.41
C PHE B 61 -7.25 5.35 -11.26
N GLN B 62 -7.82 6.55 -11.34
CA GLN B 62 -9.27 6.74 -11.39
C GLN B 62 -9.55 7.74 -12.50
N ALA B 63 -10.37 7.34 -13.47
CA ALA B 63 -10.65 8.24 -14.59
C ALA B 63 -12.10 8.67 -14.58
N PRO B 64 -12.39 9.96 -14.67
CA PRO B 64 -13.79 10.39 -14.75
C PRO B 64 -14.36 10.08 -16.13
N VAL B 65 -15.67 10.20 -16.25
CA VAL B 65 -16.30 10.19 -17.56
C VAL B 65 -15.95 11.50 -18.26
N ARG B 66 -15.50 11.40 -19.52
CA ARG B 66 -14.98 12.50 -20.33
C ARG B 66 -14.04 13.49 -19.66
N PRO B 67 -12.88 13.01 -19.24
CA PRO B 67 -11.87 13.89 -18.66
C PRO B 67 -11.58 15.13 -19.47
N ARG B 68 -11.10 16.16 -18.77
CA ARG B 68 -10.84 17.47 -19.35
C ARG B 68 -9.44 17.87 -18.91
N GLY B 69 -8.51 17.96 -19.87
CA GLY B 69 -7.16 18.32 -19.52
C GLY B 69 -6.31 17.13 -19.15
N LEU B 70 -5.14 17.44 -18.55
CA LEU B 70 -4.13 16.41 -18.40
C LEU B 70 -4.35 15.58 -17.15
N PRO B 71 -3.91 14.33 -17.18
CA PRO B 71 -3.97 13.52 -15.96
C PRO B 71 -3.02 14.10 -14.93
N LEU B 72 -3.39 13.93 -13.68
CA LEU B 72 -2.59 14.37 -12.56
C LEU B 72 -1.96 13.15 -11.91
N VAL B 73 -0.70 13.28 -11.52
CA VAL B 73 0.02 12.23 -10.82
C VAL B 73 0.35 12.78 -9.44
N PHE B 74 -0.32 12.25 -8.42
CA PHE B 74 -0.09 12.66 -7.05
C PHE B 74 0.97 11.77 -6.43
N TRP B 75 2.02 12.40 -5.93
CA TRP B 75 3.21 11.71 -5.45
C TRP B 75 3.43 12.10 -3.99
N HIS B 76 3.12 11.16 -3.10
CA HIS B 76 3.25 11.34 -1.65
C HIS B 76 4.65 11.75 -1.21
N GLY B 77 4.72 12.39 -0.06
CA GLY B 77 5.97 12.75 0.58
C GLY B 77 6.66 11.60 1.27
N GLY B 78 7.74 11.94 1.97
CA GLY B 78 8.58 10.95 2.60
C GLY B 78 7.86 10.12 3.65
N GLY B 79 8.00 8.80 3.56
CA GLY B 79 7.40 7.95 4.56
C GLY B 79 5.90 7.80 4.47
N LEU B 80 5.32 8.17 3.33
CA LEU B 80 3.88 8.18 3.15
C LEU B 80 3.49 7.26 1.99
N THR B 81 2.20 7.25 1.66
CA THR B 81 1.67 6.45 0.57
C THR B 81 0.59 7.26 -0.11
N GLY B 82 -0.01 6.67 -1.14
CA GLY B 82 -1.11 7.33 -1.83
C GLY B 82 -2.34 7.55 -0.96
N HIS B 83 -2.38 6.96 0.23
CA HIS B 83 -3.49 7.22 1.15
C HIS B 83 -3.72 8.70 1.34
N ILE B 84 -2.64 9.49 1.39
CA ILE B 84 -2.80 10.91 1.74
C ILE B 84 -3.57 11.67 0.69
N TRP B 85 -3.66 11.15 -0.53
CA TRP B 85 -4.49 11.78 -1.54
C TRP B 85 -5.89 11.19 -1.57
N GLU B 86 -6.12 10.08 -0.88
CA GLU B 86 -7.42 9.43 -0.93
C GLU B 86 -8.39 10.07 0.07
N SER B 87 -7.94 10.25 1.29
CA SER B 87 -8.75 10.77 2.39
C SER B 87 -7.88 11.55 3.36
N THR B 88 -8.50 12.47 4.08
CA THR B 88 -7.85 13.15 5.18
C THR B 88 -7.90 12.27 6.42
N PRO B 89 -7.15 12.61 7.47
CA PRO B 89 -7.17 11.77 8.67
C PRO B 89 -8.55 11.66 9.30
N ASP B 90 -9.41 12.66 9.12
CA ASP B 90 -10.77 12.60 9.66
C ASP B 90 -11.79 12.13 8.63
N GLY B 91 -11.34 11.59 7.50
CA GLY B 91 -12.27 10.93 6.61
C GLY B 91 -12.91 11.78 5.54
N ARG B 92 -12.50 13.04 5.41
CA ARG B 92 -13.01 13.86 4.33
C ARG B 92 -12.34 13.49 3.02
N PRO B 93 -12.98 13.78 1.89
CA PRO B 93 -12.37 13.43 0.59
C PRO B 93 -10.99 14.05 0.42
N GLY B 94 -10.08 13.24 -0.12
CA GLY B 94 -8.78 13.73 -0.53
C GLY B 94 -8.78 14.28 -1.94
N PHE B 95 -7.58 14.69 -2.38
CA PHE B 95 -7.41 15.30 -3.69
C PHE B 95 -7.77 14.35 -4.82
N GLN B 96 -7.61 13.03 -4.60
CA GLN B 96 -8.01 12.08 -5.63
C GLN B 96 -9.48 12.27 -5.99
N THR B 97 -10.36 12.24 -5.00
CA THR B 97 -11.78 12.45 -5.26
C THR B 97 -12.04 13.85 -5.81
N LEU B 98 -11.45 14.86 -5.20
CA LEU B 98 -11.74 16.24 -5.61
C LEU B 98 -11.38 16.48 -7.07
N PHE B 99 -10.28 15.89 -7.53
CA PHE B 99 -9.86 16.19 -8.89
C PHE B 99 -10.44 15.24 -9.93
N VAL B 100 -10.88 14.04 -9.53
CA VAL B 100 -11.75 13.28 -10.42
C VAL B 100 -13.05 14.05 -10.62
N GLN B 101 -13.58 14.61 -9.54
CA GLN B 101 -14.77 15.44 -9.64
C GLN B 101 -14.51 16.66 -10.52
N ASP B 102 -13.29 17.21 -10.50
CA ASP B 102 -12.84 18.31 -11.36
C ASP B 102 -12.46 17.84 -12.76
N ARG B 103 -12.80 16.59 -13.10
CA ARG B 103 -12.71 16.00 -14.43
C ARG B 103 -11.29 15.74 -14.91
N HIS B 104 -10.36 15.47 -14.00
CA HIS B 104 -9.04 14.96 -14.35
C HIS B 104 -8.98 13.47 -14.05
N THR B 105 -8.34 12.72 -14.94
CA THR B 105 -7.88 11.39 -14.54
C THR B 105 -6.80 11.58 -13.48
N VAL B 106 -6.84 10.76 -12.44
CA VAL B 106 -5.95 10.92 -11.29
C VAL B 106 -5.17 9.63 -11.07
N TYR B 107 -3.85 9.73 -11.11
CA TYR B 107 -2.96 8.65 -10.75
C TYR B 107 -2.44 8.94 -9.36
N THR B 108 -2.43 7.92 -8.51
CA THR B 108 -1.78 8.03 -7.22
C THR B 108 -0.78 6.88 -7.12
N ILE B 109 0.40 7.17 -6.60
CA ILE B 109 1.44 6.17 -6.56
C ILE B 109 1.84 5.86 -5.13
N ASP B 110 2.35 4.65 -4.96
CA ASP B 110 3.14 4.26 -3.79
C ASP B 110 4.52 4.00 -4.38
N GLN B 111 5.45 4.92 -4.14
CA GLN B 111 6.75 4.82 -4.78
C GLN B 111 7.50 3.58 -4.29
N PRO B 112 8.53 3.15 -5.02
CA PRO B 112 9.32 2.00 -4.58
C PRO B 112 9.81 2.21 -3.15
N GLY B 113 9.63 1.19 -2.31
CA GLY B 113 10.02 1.28 -0.92
C GLY B 113 8.95 1.77 0.02
N ARG B 114 7.77 2.13 -0.48
CA ARG B 114 6.69 2.67 0.34
C ARG B 114 5.37 2.01 0.01
N GLY B 115 4.57 1.70 1.05
CA GLY B 115 3.24 1.15 0.82
C GLY B 115 3.25 -0.07 -0.08
N ARG B 116 2.45 -0.03 -1.15
CA ARG B 116 2.32 -1.15 -2.05
C ARG B 116 3.49 -1.23 -3.02
N GLY B 117 4.38 -0.24 -2.98
CA GLY B 117 5.65 -0.37 -3.65
C GLY B 117 6.50 -1.47 -3.04
N ASN B 118 7.50 -1.93 -3.80
CA ASN B 118 8.31 -3.02 -3.32
C ASN B 118 9.22 -2.61 -2.16
N ILE B 119 9.31 -3.47 -1.16
CA ILE B 119 10.38 -3.40 -0.18
C ILE B 119 11.38 -4.51 -0.48
N PRO B 120 12.57 -4.22 -0.99
CA PRO B 120 13.48 -5.29 -1.46
C PRO B 120 14.15 -6.03 -0.34
N THR B 121 13.55 -7.14 0.09
CA THR B 121 14.21 -7.99 1.07
C THR B 121 13.93 -9.43 0.71
N PHE B 122 14.72 -10.32 1.30
CA PHE B 122 14.86 -11.68 0.79
C PHE B 122 14.85 -12.67 1.95
N ASN B 123 15.57 -13.77 1.81
CA ASN B 123 15.73 -14.73 2.90
C ASN B 123 17.09 -14.47 3.53
N GLY B 124 17.08 -13.81 4.69
CA GLY B 124 18.28 -13.36 5.35
C GLY B 124 18.06 -12.02 6.02
N PRO B 125 19.13 -11.42 6.54
CA PRO B 125 19.01 -10.10 7.17
C PRO B 125 18.35 -9.13 6.21
N PHE B 126 17.49 -8.25 6.75
CA PHE B 126 16.75 -7.31 5.93
C PHE B 126 17.61 -6.67 4.86
N GLY B 127 17.12 -6.74 3.63
CA GLY B 127 17.74 -6.06 2.51
C GLY B 127 18.90 -6.79 1.87
N GLN B 128 19.29 -7.94 2.43
CA GLN B 128 20.47 -8.67 1.97
C GLN B 128 20.07 -9.89 1.15
N LEU B 129 20.63 -9.97 -0.04
CA LEU B 129 20.53 -11.16 -0.90
C LEU B 129 21.92 -11.78 -0.96
N GLU B 130 22.12 -12.84 -0.18
CA GLU B 130 23.44 -13.45 -0.07
C GLU B 130 24.47 -12.38 0.28
N GLU B 131 25.51 -12.20 -0.54
CA GLU B 131 26.52 -11.21 -0.19
C GLU B 131 26.25 -9.80 -0.75
N GLU B 132 25.13 -9.57 -1.44
CA GLU B 132 24.81 -8.23 -1.91
C GLU B 132 23.83 -7.54 -0.97
N SER B 133 24.14 -6.29 -0.61
CA SER B 133 23.27 -5.45 0.17
C SER B 133 22.41 -4.62 -0.79
N ILE B 134 21.18 -5.06 -1.02
CA ILE B 134 20.28 -4.29 -1.87
C ILE B 134 19.83 -3.02 -1.15
N VAL B 135 19.38 -3.16 0.10
CA VAL B 135 19.15 -2.00 0.95
C VAL B 135 19.74 -2.31 2.32
N ASN B 136 19.95 -1.24 3.09
CA ASN B 136 20.59 -1.36 4.40
C ASN B 136 19.72 -2.12 5.38
N THR B 137 20.37 -2.98 6.17
CA THR B 137 19.67 -3.67 7.24
C THR B 137 19.26 -2.72 8.36
N VAL B 138 20.06 -1.68 8.59
CA VAL B 138 19.73 -0.67 9.60
C VAL B 138 18.77 0.33 8.97
N THR B 139 17.63 0.54 9.63
CA THR B 139 16.62 1.45 9.11
C THR B 139 16.62 2.74 9.90
N GLY B 140 15.93 3.72 9.35
CA GLY B 140 15.59 4.92 10.09
C GLY B 140 14.10 5.16 9.98
N ASN B 141 13.57 5.89 10.95
CA ASN B 141 12.14 6.18 10.95
C ASN B 141 11.87 7.35 11.86
N SER B 142 11.01 8.26 11.42
CA SER B 142 10.57 9.36 12.26
C SER B 142 9.72 8.85 13.41
N SER B 143 9.61 9.64 14.45
CA SER B 143 8.67 9.40 15.53
C SER B 143 7.43 10.25 15.30
N LYS B 144 6.41 9.97 16.12
CA LYS B 144 5.26 10.87 16.19
C LYS B 144 5.72 12.29 16.50
N GLU B 145 6.65 12.40 17.47
CA GLU B 145 7.12 13.70 17.92
C GLU B 145 7.89 14.43 16.84
N GLY B 146 8.79 13.71 16.18
CA GLY B 146 9.50 14.28 15.04
C GLY B 146 8.55 14.75 13.95
N ALA B 147 7.58 13.92 13.60
CA ALA B 147 6.65 14.27 12.53
C ALA B 147 5.77 15.45 12.92
N TRP B 148 5.35 15.51 14.19
CA TRP B 148 4.53 16.61 14.69
C TRP B 148 5.17 17.96 14.38
N VAL B 149 6.46 18.10 14.70
CA VAL B 149 7.09 19.40 14.48
C VAL B 149 7.53 19.54 13.02
N ARG B 150 7.92 18.44 12.37
CA ARG B 150 8.25 18.50 10.95
C ARG B 150 7.09 19.02 10.13
N ASP B 151 5.87 18.60 10.47
CA ASP B 151 4.71 19.01 9.70
C ASP B 151 4.09 20.30 10.22
N ARG B 152 4.70 20.92 11.22
CA ARG B 152 4.25 22.19 11.79
C ARG B 152 2.80 22.12 12.24
N LEU B 153 2.42 21.02 12.90
CA LEU B 153 1.15 21.03 13.63
C LEU B 153 1.22 22.09 14.72
N GLY B 154 2.36 22.17 15.39
CA GLY B 154 2.62 23.13 16.42
C GLY B 154 4.10 23.15 16.69
N PRO B 155 4.54 24.06 17.56
CA PRO B 155 5.98 24.19 17.83
C PRO B 155 6.56 23.02 18.62
N ALA B 156 5.73 22.30 19.36
CA ALA B 156 6.15 21.14 20.11
C ALA B 156 5.05 20.08 20.04
N PRO B 157 5.41 18.80 20.23
CA PRO B 157 4.38 17.74 20.27
C PRO B 157 3.30 18.05 21.29
N GLY B 158 2.05 17.83 20.90
CA GLY B 158 0.91 18.14 21.75
C GLY B 158 0.35 19.53 21.59
N GLN B 159 1.11 20.46 21.01
CA GLN B 159 0.69 21.83 20.86
C GLN B 159 0.28 22.11 19.41
N PHE B 160 -0.68 22.98 19.27
CA PHE B 160 -1.11 23.43 17.97
C PHE B 160 -0.98 24.91 17.81
N PHE B 161 -0.53 25.33 16.64
CA PHE B 161 -0.52 26.73 16.35
C PHE B 161 -1.96 27.25 16.42
N GLU B 162 -2.08 28.52 16.77
CA GLU B 162 -3.39 29.10 16.86
C GLU B 162 -4.25 28.99 15.69
N ASN B 163 -3.69 29.13 14.52
CA ASN B 163 -4.57 29.17 13.39
C ASN B 163 -4.88 27.81 12.75
N SER B 164 -4.50 26.76 13.43
CA SER B 164 -4.54 25.43 12.82
C SER B 164 -5.66 24.90 11.99
N GLN B 165 -5.25 24.39 10.85
CA GLN B 165 -6.20 23.73 9.99
C GLN B 165 -6.00 22.23 10.09
N PHE B 166 -5.15 21.80 10.99
CA PHE B 166 -5.05 20.41 11.20
C PHE B 166 -6.41 19.81 11.71
N PRO B 167 -6.75 18.57 11.20
CA PRO B 167 -7.96 17.92 11.72
C PRO B 167 -7.78 17.38 13.13
N ARG B 168 -7.84 18.29 14.09
CA ARG B 168 -7.58 17.97 15.49
C ARG B 168 -8.54 16.89 15.98
N GLY B 169 -8.01 15.97 16.77
CA GLY B 169 -8.74 14.81 17.22
C GLY B 169 -8.41 13.55 16.43
N TYR B 170 -7.76 13.71 15.29
CA TYR B 170 -7.43 12.60 14.40
C TYR B 170 -5.93 12.40 14.29
N GLU B 171 -5.20 12.69 15.37
CA GLU B 171 -3.76 12.51 15.41
C GLU B 171 -3.38 11.05 15.19
N ASP B 172 -4.09 10.12 15.83
CA ASP B 172 -3.77 8.71 15.64
C ASP B 172 -3.87 8.31 14.18
N ASN B 173 -4.98 8.65 13.51
CA ASN B 173 -5.13 8.35 12.10
C ASN B 173 -3.99 8.92 11.29
N TYR B 174 -3.67 10.18 11.56
CA TYR B 174 -2.64 10.89 10.82
C TYR B 174 -1.29 10.20 10.96
N PHE B 175 -0.83 9.99 12.19
CA PHE B 175 0.52 9.48 12.32
C PHE B 175 0.59 8.02 11.90
N LYS B 176 -0.54 7.30 11.93
CA LYS B 176 -0.54 5.90 11.50
C LYS B 176 -0.22 5.75 10.02
N GLU B 177 -0.35 6.81 9.23
CA GLU B 177 -0.12 6.70 7.81
C GLU B 177 1.37 6.76 7.45
N MET B 178 2.24 7.01 8.43
CA MET B 178 3.65 7.27 8.21
C MET B 178 4.49 6.05 8.55
N GLY B 179 5.57 5.85 7.79
CA GLY B 179 6.46 4.76 8.09
C GLY B 179 7.84 4.96 7.50
N PHE B 180 8.67 3.95 7.69
CA PHE B 180 10.05 3.98 7.23
C PHE B 180 10.15 3.80 5.72
N SER B 181 11.30 4.19 5.17
CA SER B 181 11.67 3.88 3.79
C SER B 181 13.01 3.17 3.77
N PRO B 182 13.13 2.04 3.08
CA PRO B 182 14.45 1.43 2.93
C PRO B 182 15.32 2.30 2.04
N SER B 183 16.62 1.98 2.02
CA SER B 183 17.60 2.81 1.35
C SER B 183 17.68 2.58 -0.17
N ILE B 184 16.52 2.52 -0.84
CA ILE B 184 16.50 2.46 -2.29
C ILE B 184 17.08 3.74 -2.84
N SER B 185 17.93 3.60 -3.86
CA SER B 185 18.52 4.79 -4.46
C SER B 185 17.46 5.70 -5.05
N SER B 186 17.63 7.01 -4.87
CA SER B 186 16.69 7.94 -5.47
C SER B 186 16.65 7.78 -6.99
N ASP B 187 17.76 7.36 -7.60
CA ASP B 187 17.77 7.14 -9.05
C ASP B 187 16.72 6.12 -9.46
N GLU B 188 16.56 5.04 -8.68
CA GLU B 188 15.60 4.01 -9.06
C GLU B 188 14.17 4.47 -8.79
N ILE B 189 13.97 5.37 -7.83
CA ILE B 189 12.64 5.90 -7.61
C ILE B 189 12.25 6.81 -8.76
N VAL B 190 13.16 7.73 -9.12
CA VAL B 190 12.93 8.60 -10.28
C VAL B 190 12.67 7.77 -11.53
N ASP B 191 13.45 6.71 -11.72
CA ASP B 191 13.31 5.87 -12.90
C ASP B 191 11.91 5.29 -13.01
N ALA B 192 11.37 4.81 -11.90
CA ALA B 192 10.03 4.22 -11.95
C ALA B 192 9.02 5.27 -12.37
N VAL B 193 9.18 6.49 -11.86
CA VAL B 193 8.18 7.50 -12.20
C VAL B 193 8.39 7.99 -13.62
N VAL B 194 9.64 8.05 -14.10
CA VAL B 194 9.84 8.34 -15.52
C VAL B 194 9.13 7.32 -16.39
N LYS B 195 9.24 6.02 -16.05
CA LYS B 195 8.50 5.01 -16.81
C LYS B 195 7.00 5.23 -16.76
N LEU B 196 6.45 5.61 -15.60
CA LEU B 196 5.02 5.89 -15.50
C LEU B 196 4.63 7.04 -16.42
N VAL B 197 5.42 8.12 -16.41
CA VAL B 197 5.11 9.28 -17.23
C VAL B 197 5.16 8.92 -18.71
N THR B 198 6.12 8.09 -19.11
CA THR B 198 6.11 7.56 -20.48
C THR B 198 4.82 6.83 -20.77
N HIS B 199 4.33 6.03 -19.83
CA HIS B 199 3.13 5.25 -20.06
C HIS B 199 1.90 6.14 -20.15
N ILE B 200 1.83 7.18 -19.32
CA ILE B 200 0.63 8.01 -19.24
C ILE B 200 0.53 8.96 -20.42
N GLY B 201 1.65 9.49 -20.87
CA GLY B 201 1.65 10.62 -21.78
C GLY B 201 1.72 11.93 -21.01
N PRO B 202 1.44 13.03 -21.70
CA PRO B 202 1.44 14.35 -21.04
C PRO B 202 0.61 14.36 -19.76
N CYS B 203 1.22 14.90 -18.71
CA CYS B 203 0.61 14.87 -17.39
C CYS B 203 1.17 16.01 -16.54
N VAL B 204 0.59 16.17 -15.35
CA VAL B 204 1.07 17.11 -14.35
C VAL B 204 1.49 16.32 -13.12
N LEU B 205 2.67 16.63 -12.58
CA LEU B 205 3.09 16.04 -11.31
C LEU B 205 2.70 16.93 -10.15
N VAL B 206 2.04 16.34 -9.17
CA VAL B 206 1.71 17.03 -7.92
C VAL B 206 2.48 16.31 -6.83
N THR B 207 3.45 17.00 -6.23
CA THR B 207 4.43 16.39 -5.35
C THR B 207 4.31 16.97 -3.96
N HIS B 208 5.11 16.43 -3.05
CA HIS B 208 4.94 16.75 -1.64
C HIS B 208 6.22 16.46 -0.90
N ALA B 209 6.73 17.44 -0.15
CA ALA B 209 7.82 17.19 0.77
C ALA B 209 8.97 16.46 0.08
N ALA B 210 9.26 15.24 0.51
CA ALA B 210 10.39 14.51 -0.07
C ALA B 210 10.26 14.26 -1.57
N SER B 211 9.03 14.18 -2.11
CA SER B 211 8.96 13.91 -3.54
C SER B 211 9.14 15.17 -4.37
N GLY B 212 9.22 16.34 -3.74
CA GLY B 212 9.41 17.56 -4.51
C GLY B 212 10.65 17.48 -5.39
N VAL B 213 11.79 17.21 -4.77
CA VAL B 213 13.03 17.18 -5.57
C VAL B 213 13.00 16.03 -6.55
N LEU B 214 12.36 14.92 -6.18
CA LEU B 214 12.30 13.80 -7.11
C LEU B 214 11.43 14.14 -8.31
N GLY B 215 10.35 14.90 -8.10
CA GLY B 215 9.53 15.29 -9.23
C GLY B 215 10.25 16.25 -10.15
N MET B 216 11.06 17.14 -9.58
CA MET B 216 11.81 18.04 -10.44
C MET B 216 12.76 17.25 -11.32
N ARG B 217 13.39 16.21 -10.73
CA ARG B 217 14.27 15.36 -11.50
C ARG B 217 13.53 14.62 -12.60
N VAL B 218 12.36 14.06 -12.26
CA VAL B 218 11.57 13.38 -13.28
C VAL B 218 11.30 14.29 -14.46
N ALA B 219 10.92 15.55 -14.19
CA ALA B 219 10.58 16.45 -15.29
C ALA B 219 11.78 16.70 -16.19
N THR B 220 13.00 16.71 -15.64
CA THR B 220 14.18 16.90 -16.48
C THR B 220 14.47 15.70 -17.35
N HIS B 221 13.92 14.52 -17.03
CA HIS B 221 14.10 13.34 -17.85
C HIS B 221 12.89 13.02 -18.72
N ALA B 222 11.77 13.71 -18.54
CA ALA B 222 10.50 13.30 -19.14
C ALA B 222 9.76 14.55 -19.60
N LYS B 223 9.79 14.80 -20.90
CA LYS B 223 9.11 15.96 -21.46
C LYS B 223 7.60 15.85 -21.35
N ASN B 224 7.05 14.66 -21.09
CA ASN B 224 5.62 14.54 -20.87
C ASN B 224 5.16 15.25 -19.60
N VAL B 225 6.06 15.58 -18.67
CA VAL B 225 5.65 16.35 -17.51
C VAL B 225 5.40 17.78 -17.98
N ARG B 226 4.14 18.22 -17.97
CA ARG B 226 3.79 19.54 -18.47
C ARG B 226 3.66 20.58 -17.38
N GLY B 227 3.79 20.18 -16.13
CA GLY B 227 3.68 21.13 -15.03
C GLY B 227 3.96 20.40 -13.74
N ILE B 228 4.41 21.18 -12.75
CA ILE B 228 4.66 20.66 -11.40
C ILE B 228 4.00 21.57 -10.39
N VAL B 229 3.30 20.98 -9.43
CA VAL B 229 2.90 21.69 -8.23
C VAL B 229 3.48 20.91 -7.06
N ALA B 230 4.31 21.57 -6.27
CA ALA B 230 5.01 20.91 -5.17
C ALA B 230 4.54 21.51 -3.86
N TYR B 231 3.88 20.68 -3.03
CA TYR B 231 3.49 21.10 -1.69
C TYR B 231 4.66 20.91 -0.73
N GLU B 232 5.12 22.03 -0.17
CA GLU B 232 6.14 22.04 0.87
C GLU B 232 7.31 21.12 0.56
N PRO B 233 7.98 21.32 -0.57
CA PRO B 233 9.09 20.42 -0.94
C PRO B 233 10.24 20.52 0.05
N ALA B 234 10.92 19.38 0.26
CA ALA B 234 11.91 19.29 1.34
C ALA B 234 13.34 19.57 0.91
N THR B 235 13.70 19.30 -0.35
CA THR B 235 15.06 19.48 -0.83
C THR B 235 15.06 20.38 -2.05
N SER B 236 15.92 21.40 -2.03
CA SER B 236 16.00 22.32 -3.14
C SER B 236 16.91 21.75 -4.22
N ILE B 237 16.81 22.33 -5.42
CA ILE B 237 17.54 21.85 -6.59
C ILE B 237 18.14 23.03 -7.35
N PHE B 238 19.38 22.86 -7.80
CA PHE B 238 20.13 23.92 -8.43
C PHE B 238 20.98 23.33 -9.55
N PRO B 239 21.39 24.15 -10.52
CA PRO B 239 22.40 23.69 -11.48
C PRO B 239 23.71 23.39 -10.76
N LYS B 240 24.42 22.37 -11.25
CA LYS B 240 25.68 21.94 -10.65
C LYS B 240 26.65 23.10 -10.50
N GLY B 241 27.34 23.15 -9.37
CA GLY B 241 28.29 24.21 -9.06
C GLY B 241 27.70 25.60 -8.87
N LYS B 242 26.37 25.75 -8.90
CA LYS B 242 25.75 27.06 -8.77
C LYS B 242 24.78 27.14 -7.61
N VAL B 243 25.07 26.41 -6.53
CA VAL B 243 24.25 26.51 -5.33
C VAL B 243 24.57 27.84 -4.67
N PRO B 244 23.58 28.71 -4.47
CA PRO B 244 23.86 30.00 -3.83
C PRO B 244 24.18 29.80 -2.35
N GLU B 245 24.71 30.86 -1.74
CA GLU B 245 25.01 30.79 -0.32
C GLU B 245 23.71 30.66 0.46
N ILE B 246 23.65 29.63 1.29
CA ILE B 246 22.47 29.34 2.11
C ILE B 246 22.92 29.33 3.56
N PRO B 247 22.29 30.12 4.43
CA PRO B 247 22.78 30.23 5.81
C PRO B 247 22.56 28.96 6.60
N PRO B 248 23.35 28.75 7.65
CA PRO B 248 23.01 27.71 8.63
C PRO B 248 21.75 28.08 9.39
N LEU B 249 21.25 27.11 10.15
CA LEU B 249 20.12 27.37 11.02
C LEU B 249 20.54 28.23 12.22
N ALA B 250 19.54 28.73 12.95
CA ALA B 250 19.79 29.63 14.07
C ALA B 250 20.61 28.97 15.18
N ASP B 251 20.58 27.63 15.29
CA ASP B 251 21.50 27.00 16.24
C ASP B 251 22.95 27.08 15.78
N LYS B 252 23.21 27.69 14.63
CA LYS B 252 24.55 27.97 14.10
C LYS B 252 25.37 26.71 13.84
N LYS B 253 24.78 25.53 13.98
CA LYS B 253 25.45 24.27 13.70
C LYS B 253 24.74 23.43 12.65
N SER B 254 23.42 23.49 12.57
CA SER B 254 22.67 22.68 11.64
C SER B 254 22.51 23.37 10.29
N GLN B 255 22.27 22.55 9.28
CA GLN B 255 22.05 23.00 7.91
C GLN B 255 20.77 22.36 7.40
N ILE B 256 20.20 22.96 6.36
CA ILE B 256 19.07 22.33 5.68
C ILE B 256 19.59 21.15 4.87
N PHE B 257 18.71 20.49 4.14
CA PHE B 257 19.13 19.34 3.34
C PHE B 257 20.07 19.83 2.24
N PRO B 258 21.21 19.18 2.03
CA PRO B 258 22.11 19.60 0.94
C PRO B 258 21.35 19.68 -0.37
N PRO B 259 21.34 20.84 -1.02
CA PRO B 259 20.59 20.99 -2.27
C PRO B 259 21.05 19.99 -3.31
N PHE B 260 20.09 19.47 -4.08
CA PHE B 260 20.43 18.57 -5.16
C PHE B 260 20.98 19.36 -6.33
N GLU B 261 22.04 18.85 -6.94
CA GLU B 261 22.70 19.52 -8.06
C GLU B 261 22.62 18.68 -9.31
N ILE B 262 22.12 19.26 -10.39
CA ILE B 262 22.03 18.58 -11.67
C ILE B 262 22.76 19.38 -12.72
N GLN B 263 23.20 18.68 -13.76
CA GLN B 263 23.77 19.31 -14.94
C GLN B 263 22.86 20.42 -15.46
N GLU B 264 23.48 21.55 -15.84
CA GLU B 264 22.68 22.69 -16.26
C GLU B 264 21.85 22.37 -17.49
N SER B 265 22.31 21.45 -18.35
CA SER B 265 21.50 21.10 -19.52
C SER B 265 20.19 20.45 -19.10
N TYR B 266 20.18 19.73 -17.99
CA TYR B 266 18.95 19.15 -17.49
C TYR B 266 18.15 20.18 -16.70
N PHE B 267 18.82 20.98 -15.87
CA PHE B 267 18.13 22.03 -15.11
C PHE B 267 17.33 22.95 -16.00
N LYS B 268 17.88 23.30 -17.18
CA LYS B 268 17.17 24.17 -18.13
C LYS B 268 15.83 23.61 -18.57
N LYS B 269 15.62 22.29 -18.52
CA LYS B 269 14.33 21.74 -18.87
C LYS B 269 13.25 22.19 -17.90
N LEU B 270 13.64 22.54 -16.67
CA LEU B 270 12.63 23.04 -15.73
C LEU B 270 12.09 24.40 -16.14
N ALA B 271 12.80 25.14 -17.00
CA ALA B 271 12.30 26.45 -17.42
C ALA B 271 11.24 26.35 -18.51
N LYS B 272 10.95 25.16 -19.01
CA LYS B 272 9.99 25.01 -20.10
C LYS B 272 8.57 24.73 -19.65
N ILE B 273 8.34 24.52 -18.35
CA ILE B 273 7.02 24.12 -17.89
C ILE B 273 6.63 24.99 -16.69
N PRO B 274 5.34 25.23 -16.48
CA PRO B 274 4.93 25.95 -15.28
C PRO B 274 5.18 25.13 -14.03
N ILE B 275 5.74 25.79 -13.02
CA ILE B 275 6.11 25.16 -11.75
C ILE B 275 5.63 26.06 -10.62
N GLN B 276 4.93 25.47 -9.65
CA GLN B 276 4.44 26.20 -8.51
C GLN B 276 4.81 25.44 -7.26
N PHE B 277 5.47 26.10 -6.32
CA PHE B 277 5.71 25.55 -5.00
C PHE B 277 4.69 26.18 -4.05
N VAL B 278 4.09 25.37 -3.19
CA VAL B 278 3.04 25.81 -2.29
C VAL B 278 3.51 25.62 -0.86
N PHE B 279 3.46 26.69 -0.05
CA PHE B 279 3.80 26.58 1.36
C PHE B 279 2.63 26.97 2.24
N GLY B 280 2.48 26.24 3.34
CA GLY B 280 1.48 26.55 4.35
C GLY B 280 1.95 27.62 5.30
N ASP B 281 1.43 27.57 6.52
CA ASP B 281 1.54 28.67 7.47
C ASP B 281 2.54 28.35 8.56
N ASN B 282 2.82 29.36 9.39
CA ASN B 282 3.66 29.25 10.58
C ASN B 282 5.10 28.91 10.26
N ILE B 283 5.58 29.27 9.07
CA ILE B 283 7.01 29.26 8.79
C ILE B 283 7.56 30.61 9.25
N PRO B 284 8.49 30.63 10.20
CA PRO B 284 8.94 31.91 10.75
C PRO B 284 9.65 32.75 9.71
N LYS B 285 9.50 34.06 9.86
CA LYS B 285 10.26 34.97 9.03
C LYS B 285 11.67 35.19 9.57
N ASN B 286 11.85 35.09 10.88
CA ASN B 286 13.11 35.35 11.56
C ASN B 286 13.67 34.09 12.21
N PRO B 287 14.97 34.07 12.52
CA PRO B 287 15.56 32.89 13.16
C PRO B 287 14.80 32.45 14.40
N LYS B 288 14.70 31.13 14.59
CA LYS B 288 13.94 30.52 15.69
C LYS B 288 14.77 29.38 16.26
N SER B 289 15.72 29.72 17.14
CA SER B 289 16.64 28.72 17.68
C SER B 289 15.98 27.75 18.64
N ALA B 290 14.81 28.07 19.20
CA ALA B 290 14.18 27.15 20.14
C ALA B 290 13.40 26.03 19.45
N TYR B 291 13.17 26.13 18.14
CA TYR B 291 12.28 25.20 17.45
C TYR B 291 12.97 24.82 16.14
N TRP B 292 13.72 23.72 16.19
CA TRP B 292 14.61 23.35 15.09
C TRP B 292 13.87 23.23 13.77
N PHE B 293 12.73 22.55 13.75
CA PHE B 293 12.12 22.32 12.45
C PHE B 293 11.42 23.55 11.90
N LEU B 294 10.96 24.46 12.77
CA LEU B 294 10.45 25.75 12.29
C LEU B 294 11.57 26.55 11.61
N ASP B 295 12.74 26.59 12.24
CA ASP B 295 13.87 27.28 11.61
C ASP B 295 14.33 26.58 10.35
N TRP B 296 14.30 25.24 10.35
CA TRP B 296 14.62 24.49 9.15
C TRP B 296 13.70 24.88 8.00
N TRP B 297 12.39 25.03 8.27
CA TRP B 297 11.47 25.40 7.20
C TRP B 297 11.73 26.81 6.69
N ARG B 298 12.10 27.73 7.58
CA ARG B 298 12.42 29.09 7.16
C ARG B 298 13.56 29.07 6.14
N VAL B 299 14.63 28.35 6.45
CA VAL B 299 15.78 28.40 5.54
C VAL B 299 15.53 27.54 4.31
N THR B 300 14.77 26.46 4.46
CA THR B 300 14.44 25.62 3.32
C THR B 300 13.57 26.36 2.32
N ARG B 301 12.54 27.06 2.80
CA ARG B 301 11.71 27.90 1.92
C ARG B 301 12.55 28.96 1.23
N TYR B 302 13.48 29.57 1.96
CA TYR B 302 14.37 30.54 1.34
C TYR B 302 15.17 29.91 0.21
N ALA B 303 15.75 28.74 0.47
CA ALA B 303 16.51 28.05 -0.56
C ALA B 303 15.63 27.75 -1.78
N HIS B 304 14.37 27.35 -1.54
CA HIS B 304 13.46 27.13 -2.66
C HIS B 304 13.17 28.41 -3.43
N SER B 305 13.06 29.55 -2.75
CA SER B 305 12.85 30.80 -3.48
C SER B 305 14.01 31.07 -4.40
N LEU B 306 15.23 30.76 -3.96
CA LEU B 306 16.39 30.93 -4.84
C LEU B 306 16.41 29.92 -5.98
N SER B 307 15.97 28.68 -5.70
CA SER B 307 15.87 27.70 -6.78
C SER B 307 14.89 28.18 -7.84
N LEU B 308 13.73 28.68 -7.42
CA LEU B 308 12.75 29.15 -8.38
C LEU B 308 13.28 30.34 -9.15
N GLU B 309 14.06 31.19 -8.51
CA GLU B 309 14.64 32.37 -9.18
C GLU B 309 15.63 31.95 -10.24
N ALA B 310 16.39 30.92 -9.95
CA ALA B 310 17.31 30.41 -10.95
C ALA B 310 16.61 29.81 -12.15
N ILE B 311 15.46 29.22 -11.92
CA ILE B 311 14.69 28.69 -13.03
C ILE B 311 14.15 29.86 -13.84
N ASN B 312 13.72 30.89 -13.15
CA ASN B 312 13.17 32.01 -13.83
C ASN B 312 14.24 32.82 -14.61
N LYS B 313 15.47 32.80 -14.10
CA LYS B 313 16.50 33.53 -14.81
C LYS B 313 16.83 32.82 -16.10
N LEU B 314 16.41 31.57 -16.25
CA LEU B 314 16.70 30.81 -17.42
C LEU B 314 15.51 30.71 -18.35
N GLY B 315 14.55 31.56 -18.14
CA GLY B 315 13.42 31.57 -19.01
C GLY B 315 12.17 30.94 -18.46
N GLY B 316 12.24 30.62 -17.20
CA GLY B 316 11.15 29.91 -16.61
C GLY B 316 9.84 30.51 -16.24
N GLN B 317 8.98 29.62 -15.70
CA GLN B 317 7.65 30.03 -15.25
C GLN B 317 7.42 29.45 -13.87
N ALA B 318 8.30 29.80 -12.93
CA ALA B 318 8.30 29.21 -11.60
C ALA B 318 7.76 30.23 -10.60
N SER B 319 6.94 29.77 -9.67
CA SER B 319 6.36 30.68 -8.69
C SER B 319 6.23 30.00 -7.34
N LEU B 320 6.22 30.84 -6.30
CA LEU B 320 6.04 30.41 -4.92
C LEU B 320 4.69 30.93 -4.44
N LEU B 321 3.80 30.04 -4.03
CA LEU B 321 2.52 30.43 -3.47
C LEU B 321 2.56 30.14 -1.98
N ASP B 322 2.51 31.21 -1.18
CA ASP B 322 2.35 31.10 0.25
C ASP B 322 0.85 31.13 0.51
N LEU B 323 0.29 30.03 1.01
CA LEU B 323 -1.15 30.01 1.23
C LEU B 323 -1.67 31.19 2.06
N PRO B 324 -0.98 31.69 3.08
CA PRO B 324 -1.54 32.85 3.79
C PRO B 324 -1.71 34.08 2.92
N THR B 325 -0.83 34.29 1.94
CA THR B 325 -1.04 35.42 1.04
C THR B 325 -2.29 35.24 0.20
N ALA B 326 -2.74 34.01 -0.01
CA ALA B 326 -3.96 33.74 -0.77
C ALA B 326 -5.22 33.75 0.11
N GLY B 327 -5.10 34.09 1.39
CA GLY B 327 -6.24 34.17 2.28
C GLY B 327 -6.48 32.94 3.11
N LEU B 328 -5.54 32.00 3.13
CA LEU B 328 -5.71 30.72 3.83
C LEU B 328 -4.70 30.68 4.96
N ARG B 329 -5.19 30.67 6.20
CA ARG B 329 -4.30 30.64 7.36
C ARG B 329 -4.36 29.31 8.07
N GLY B 330 -3.23 28.93 8.67
CA GLY B 330 -3.18 27.78 9.55
C GLY B 330 -2.82 26.47 8.89
N ASN B 331 -2.48 26.46 7.61
CA ASN B 331 -2.15 25.20 6.97
C ASN B 331 -0.87 24.60 7.54
N THR B 332 -0.87 23.27 7.61
CA THR B 332 0.30 22.51 8.00
C THR B 332 1.11 22.20 6.76
N ALA B 333 2.10 21.33 6.92
CA ALA B 333 2.89 20.90 5.77
C ALA B 333 2.17 19.87 4.92
N PHE B 334 0.93 19.49 5.25
CA PHE B 334 0.08 18.66 4.40
C PHE B 334 -1.18 19.47 4.07
N PRO B 335 -1.08 20.54 3.27
CA PRO B 335 -2.28 21.39 3.09
C PRO B 335 -3.43 20.65 2.46
N PHE B 336 -3.12 19.65 1.65
CA PHE B 336 -4.12 18.87 0.94
C PHE B 336 -4.89 17.88 1.82
N THR B 337 -4.52 17.70 3.08
CA THR B 337 -5.40 16.96 3.99
C THR B 337 -5.90 17.82 5.14
N ASP B 338 -5.56 19.10 5.19
CA ASP B 338 -6.03 19.99 6.24
C ASP B 338 -7.53 20.25 6.10
N ARG B 339 -8.09 20.92 7.12
CA ARG B 339 -9.54 21.15 7.16
C ARG B 339 -10.03 22.02 6.00
N ASN B 340 -9.17 22.90 5.48
CA ASN B 340 -9.48 23.74 4.34
C ASN B 340 -8.96 23.18 3.03
N ASN B 341 -8.83 21.84 2.92
CA ASN B 341 -8.19 21.30 1.72
C ASN B 341 -9.04 21.53 0.47
N VAL B 342 -10.34 21.80 0.61
CA VAL B 342 -11.14 22.13 -0.56
C VAL B 342 -10.69 23.47 -1.12
N GLN B 343 -10.37 24.42 -0.24
CA GLN B 343 -9.87 25.71 -0.71
C GLN B 343 -8.46 25.58 -1.27
N VAL B 344 -7.64 24.69 -0.70
CA VAL B 344 -6.33 24.39 -1.28
C VAL B 344 -6.51 23.80 -2.68
N ALA B 345 -7.44 22.86 -2.82
CA ALA B 345 -7.68 22.27 -4.13
C ALA B 345 -8.12 23.33 -5.13
N SER B 346 -8.91 24.31 -4.68
CA SER B 346 -9.35 25.35 -5.58
C SER B 346 -8.16 26.12 -6.16
N LEU B 347 -7.13 26.36 -5.33
CA LEU B 347 -5.94 27.03 -5.84
C LEU B 347 -5.17 26.16 -6.82
N LEU B 348 -5.22 24.84 -6.64
CA LEU B 348 -4.58 23.96 -7.63
C LEU B 348 -5.36 23.98 -8.94
N SER B 349 -6.70 23.93 -8.85
CA SER B 349 -7.53 24.10 -10.05
C SER B 349 -7.24 25.41 -10.76
N ASP B 350 -7.01 26.49 -10.00
CA ASP B 350 -6.65 27.78 -10.59
C ASP B 350 -5.35 27.70 -11.39
N PHE B 351 -4.31 27.08 -10.80
CA PHE B 351 -3.04 26.89 -11.50
C PHE B 351 -3.23 26.08 -12.78
N LEU B 352 -3.94 24.95 -12.70
CA LEU B 352 -4.19 24.16 -13.90
C LEU B 352 -4.94 24.96 -14.95
N GLY B 353 -5.93 25.74 -14.52
CA GLY B 353 -6.70 26.52 -15.50
C GLY B 353 -5.87 27.62 -16.14
N LYS B 354 -5.03 28.28 -15.36
CA LYS B 354 -4.21 29.38 -15.89
C LYS B 354 -3.34 28.92 -17.05
N HIS B 355 -2.82 27.70 -16.97
CA HIS B 355 -1.89 27.20 -17.97
C HIS B 355 -2.56 26.24 -18.96
N GLY B 356 -3.88 26.16 -18.95
CA GLY B 356 -4.61 25.34 -19.89
C GLY B 356 -4.48 23.85 -19.67
N LEU B 357 -3.97 23.42 -18.51
CA LEU B 357 -3.84 22.01 -18.18
C LEU B 357 -5.15 21.36 -17.77
N ASP B 358 -6.25 22.12 -17.70
CA ASP B 358 -7.60 21.61 -17.55
C ASP B 358 -8.38 21.61 -18.86
N GLN B 359 -7.70 21.71 -19.98
CA GLN B 359 -8.34 21.78 -21.29
C GLN B 359 -7.78 20.70 -22.19
N ASN B 360 -8.62 20.21 -23.10
CA ASN B 360 -8.20 19.19 -24.06
C ASN B 360 -7.59 19.83 -25.31
#